data_4JTW
#
_entry.id   4JTW
#
_cell.length_a   106.430
_cell.length_b   108.000
_cell.length_c   134.920
_cell.angle_alpha   90.00
_cell.angle_beta   90.00
_cell.angle_gamma   90.00
#
_symmetry.space_group_name_H-M   'P 21 21 21'
#
loop_
_entity.id
_entity.type
_entity.pdbx_description
1 polymer 'Genome polyprotein'
2 non-polymer GLYCEROL
3 non-polymer 1-(2,4,6-trifluorobenzyl)-6-[2-(trifluoromethyl)phenoxy]quinazolin-4(1H)-one
4 non-polymer 'MAGNESIUM ION'
5 water water
#
_entity_poly.entity_id   1
_entity_poly.type   'polypeptide(L)'
_entity_poly.pdbx_seq_one_letter_code
;SMSYTWTGALITPCAAEESKLPINPLSNSLLRHHNMVYATTSRSASLRQKKVTFDRLQVLDDHYRDVLKEMKAKASTVKA
KLLSIEEACKLTPPHSAKSKFGYGAKDVRNLSSRAVNHIRSVWEDLLEDTETPIDTTIMAKSEVFCVQPEKGGRKPARLI
VFPDLGVRVCEKMALYDVVSTLPQAVMGSSYGFQYSPKQRVEFLVNTWKSKKCPMGFSYDTRCFDSTVTESDIRVEESIY
QCCDLAPEARQAIRSLTERLYIGGPLTNSKGQNCGYRRCRASGVLTTSCGNTLTCYLKATAACRAAKLQDCTMLVNGDDL
VVICESAGTQEDAAALRAFTEAMTRYSAPPGDPPQPEYDLELITSCSSNVSVAHDASGKRVYYLTRDPTTPLARAAWETA
RHTPINSWLGNIIMYAPTLWARMILMTHFFSILLAQEQLEKALDCQIYGACYSIEPLDLPQIIERLHGLSAFTLHSYSPG
EINRVASCLRKLGVPPLRTWRHRARSVRAKLLSQGGRAATCGRYLFNWAVRTKLKLTPIPAASQLDLSGWFVAGYSGGDI
YHSLSRARPRHHHHHH
;
_entity_poly.pdbx_strand_id   A,B
#
loop_
_chem_comp.id
_chem_comp.type
_chem_comp.name
_chem_comp.formula
1NU non-polymer 1-(2,4,6-trifluorobenzyl)-6-[2-(trifluoromethyl)phenoxy]quinazolin-4(1H)-one 'C22 H12 F6 N2 O2'
GOL non-polymer GLYCEROL 'C3 H8 O3'
MG non-polymer 'MAGNESIUM ION' 'Mg 2'
#
# COMPACT_ATOMS: atom_id res chain seq x y z
N SER A 1 -16.94 -8.94 17.61
CA SER A 1 -17.60 -7.95 18.52
C SER A 1 -19.03 -7.77 18.05
N MET A 2 -19.88 -7.18 18.90
CA MET A 2 -21.28 -6.94 18.55
C MET A 2 -21.36 -5.89 17.45
N SER A 3 -22.17 -6.18 16.45
CA SER A 3 -22.33 -5.25 15.34
C SER A 3 -22.78 -3.91 15.88
N TYR A 4 -23.72 -3.94 16.82
CA TYR A 4 -24.27 -2.72 17.42
C TYR A 4 -24.49 -2.91 18.93
N THR A 5 -24.58 -1.80 19.65
CA THR A 5 -24.84 -1.83 21.08
C THR A 5 -25.81 -0.70 21.31
N TRP A 6 -26.90 -0.95 22.03
CA TRP A 6 -27.88 0.10 22.23
C TRP A 6 -28.01 0.53 23.68
N THR A 7 -28.24 1.84 23.88
CA THR A 7 -28.38 2.39 25.21
C THR A 7 -29.82 2.32 25.64
N GLY A 8 -30.72 2.25 24.66
CA GLY A 8 -32.13 2.19 24.95
C GLY A 8 -32.89 3.38 24.41
N ALA A 9 -32.18 4.43 24.01
CA ALA A 9 -32.87 5.59 23.46
C ALA A 9 -33.42 5.11 22.12
N LEU A 10 -34.60 5.58 21.76
CA LEU A 10 -35.25 5.19 20.51
C LEU A 10 -34.63 5.86 19.30
N ILE A 11 -34.83 5.26 18.14
CA ILE A 11 -34.38 5.84 16.90
C ILE A 11 -35.57 6.72 16.55
N THR A 12 -35.37 8.04 16.60
CA THR A 12 -36.42 9.01 16.38
C THR A 12 -36.42 9.72 15.03
N PRO A 13 -37.61 10.11 14.56
CA PRO A 13 -37.91 10.80 13.30
C PRO A 13 -37.90 12.30 13.51
N CYS A 14 -37.24 13.04 12.63
CA CYS A 14 -37.19 14.50 12.80
C CYS A 14 -38.32 15.25 12.09
N ALA A 15 -39.54 14.74 12.27
CA ALA A 15 -40.74 15.32 11.66
C ALA A 15 -41.77 14.20 11.56
N ALA A 16 -42.93 14.50 10.97
CA ALA A 16 -43.96 13.49 10.82
C ALA A 16 -43.59 12.62 9.61
N GLU A 17 -43.97 11.35 9.67
CA GLU A 17 -43.65 10.43 8.58
C GLU A 17 -44.95 9.83 8.03
N GLU A 18 -45.05 9.70 6.72
CA GLU A 18 -46.25 9.11 6.11
C GLU A 18 -46.04 7.64 5.78
N SER A 19 -47.02 6.82 6.15
CA SER A 19 -46.92 5.39 5.90
C SER A 19 -47.88 4.87 4.84
N LYS A 20 -49.00 5.56 4.64
CA LYS A 20 -49.95 5.09 3.65
C LYS A 20 -50.06 5.97 2.41
N LEU A 21 -50.30 5.33 1.27
CA LEU A 21 -50.44 6.04 0.02
C LEU A 21 -51.70 6.87 0.14
N PRO A 22 -51.62 8.17 -0.13
CA PRO A 22 -52.80 9.04 -0.05
C PRO A 22 -53.75 8.84 -1.24
N ILE A 23 -55.06 8.91 -0.99
CA ILE A 23 -56.01 8.75 -2.07
C ILE A 23 -56.20 10.04 -2.88
N ASN A 24 -55.69 10.03 -4.11
CA ASN A 24 -55.81 11.19 -4.98
C ASN A 24 -56.17 10.72 -6.39
N PRO A 25 -56.64 11.65 -7.24
CA PRO A 25 -57.03 11.36 -8.62
C PRO A 25 -55.98 10.72 -9.50
N LEU A 26 -54.81 11.36 -9.58
CA LEU A 26 -53.71 10.88 -10.42
C LEU A 26 -53.13 9.51 -10.08
N SER A 27 -52.81 9.29 -8.80
CA SER A 27 -52.23 8.02 -8.38
C SER A 27 -53.19 6.86 -8.66
N ASN A 28 -54.47 7.10 -8.37
CA ASN A 28 -55.51 6.11 -8.56
C ASN A 28 -55.56 5.62 -9.99
N SER A 29 -55.07 6.45 -10.91
CA SER A 29 -55.02 6.14 -12.35
C SER A 29 -53.97 5.04 -12.60
N LEU A 30 -52.84 5.11 -11.88
CA LEU A 30 -51.77 4.14 -12.02
C LEU A 30 -52.09 2.80 -11.36
N LEU A 31 -52.49 2.81 -10.10
CA LEU A 31 -52.85 1.57 -9.41
C LEU A 31 -53.97 1.77 -8.38
N ARG A 32 -54.95 0.87 -8.39
CA ARG A 32 -56.11 0.95 -7.49
C ARG A 32 -55.90 0.50 -6.05
N HIS A 33 -55.33 -0.69 -5.86
CA HIS A 33 -55.08 -1.22 -4.52
C HIS A 33 -54.06 -0.39 -3.75
N HIS A 34 -54.44 0.84 -3.40
CA HIS A 34 -53.55 1.74 -2.69
C HIS A 34 -53.16 1.22 -1.30
N ASN A 35 -54.06 0.49 -0.66
CA ASN A 35 -53.76 -0.03 0.66
C ASN A 35 -52.69 -1.12 0.66
N MET A 36 -52.08 -1.34 -0.49
CA MET A 36 -51.02 -2.36 -0.58
C MET A 36 -49.68 -1.64 -0.63
N VAL A 37 -49.74 -0.34 -0.87
CA VAL A 37 -48.53 0.47 -0.95
C VAL A 37 -48.28 1.19 0.36
N TYR A 38 -47.09 0.99 0.94
CA TYR A 38 -46.77 1.65 2.18
C TYR A 38 -45.33 2.11 2.17
N ALA A 39 -44.99 2.92 3.15
CA ALA A 39 -43.65 3.47 3.32
C ALA A 39 -43.18 3.17 4.73
N THR A 40 -41.91 2.83 4.89
CA THR A 40 -41.40 2.55 6.22
C THR A 40 -41.32 3.83 7.06
N THR A 41 -41.34 3.66 8.38
CA THR A 41 -41.27 4.77 9.30
C THR A 41 -40.45 4.33 10.51
N SER A 42 -39.96 5.29 11.28
CA SER A 42 -39.15 4.98 12.44
C SER A 42 -39.83 3.96 13.34
N ARG A 43 -41.16 3.93 13.28
CA ARG A 43 -41.95 3.01 14.07
C ARG A 43 -41.40 1.59 14.09
N SER A 44 -41.01 1.07 12.93
CA SER A 44 -40.49 -0.29 12.87
C SER A 44 -38.98 -0.41 13.18
N ALA A 45 -38.33 0.71 13.50
CA ALA A 45 -36.91 0.72 13.79
C ALA A 45 -36.44 -0.41 14.71
N SER A 46 -37.12 -0.55 15.84
CA SER A 46 -36.80 -1.59 16.82
C SER A 46 -36.63 -2.96 16.16
N LEU A 47 -37.55 -3.30 15.27
CA LEU A 47 -37.50 -4.59 14.57
C LEU A 47 -36.23 -4.74 13.77
N ARG A 48 -35.87 -3.66 13.08
CA ARG A 48 -34.66 -3.68 12.28
C ARG A 48 -33.51 -3.98 13.19
N GLN A 49 -33.35 -3.12 14.19
CA GLN A 49 -32.28 -3.25 15.15
C GLN A 49 -32.02 -4.69 15.56
N LYS A 50 -33.08 -5.39 15.93
CA LYS A 50 -32.92 -6.77 16.37
C LYS A 50 -32.34 -7.62 15.24
N LYS A 51 -32.75 -7.31 14.02
CA LYS A 51 -32.29 -8.04 12.86
C LYS A 51 -30.81 -7.79 12.61
N VAL A 52 -30.33 -6.58 12.88
CA VAL A 52 -28.94 -6.26 12.63
C VAL A 52 -27.98 -6.24 13.83
N THR A 53 -28.49 -6.51 15.02
CA THR A 53 -27.63 -6.52 16.18
C THR A 53 -27.26 -7.96 16.55
N PHE A 54 -25.99 -8.30 16.40
CA PHE A 54 -25.53 -9.64 16.73
C PHE A 54 -24.01 -9.67 16.74
N ASP A 55 -23.47 -10.76 17.27
CA ASP A 55 -22.04 -10.93 17.39
C ASP A 55 -21.42 -11.67 16.20
N ARG A 56 -20.63 -10.96 15.41
CA ARG A 56 -19.99 -11.55 14.24
C ARG A 56 -19.01 -12.69 14.54
N LEU A 57 -18.78 -13.54 13.55
CA LEU A 57 -17.85 -14.65 13.66
C LEU A 57 -16.95 -14.55 12.44
N GLN A 58 -15.64 -14.49 12.63
CA GLN A 58 -14.76 -14.37 11.47
C GLN A 58 -13.46 -15.17 11.54
N VAL A 59 -13.24 -16.00 10.55
CA VAL A 59 -12.04 -16.84 10.48
C VAL A 59 -11.41 -16.69 9.09
N LEU A 60 -10.29 -15.98 9.00
CA LEU A 60 -9.64 -15.81 7.71
C LEU A 60 -8.63 -16.93 7.48
N ASP A 61 -8.59 -17.47 6.26
CA ASP A 61 -7.67 -18.55 5.91
C ASP A 61 -6.63 -18.07 4.91
N ASP A 62 -5.86 -18.98 4.30
CA ASP A 62 -4.83 -18.56 3.35
C ASP A 62 -5.38 -18.06 2.02
N HIS A 63 -6.56 -18.54 1.62
CA HIS A 63 -7.17 -18.10 0.37
C HIS A 63 -7.58 -16.64 0.50
N TYR A 64 -8.10 -16.29 1.67
CA TYR A 64 -8.48 -14.91 1.91
C TYR A 64 -7.22 -14.07 1.72
N ARG A 65 -6.23 -14.34 2.57
CA ARG A 65 -4.95 -13.64 2.52
C ARG A 65 -4.36 -13.56 1.09
N ASP A 66 -4.40 -14.67 0.37
CA ASP A 66 -3.89 -14.70 -0.99
C ASP A 66 -4.56 -13.68 -1.89
N VAL A 67 -5.88 -13.75 -1.98
CA VAL A 67 -6.62 -12.82 -2.80
C VAL A 67 -6.37 -11.38 -2.38
N LEU A 68 -6.22 -11.15 -1.09
CA LEU A 68 -5.98 -9.79 -0.61
C LEU A 68 -4.71 -9.22 -1.25
N LYS A 69 -3.65 -10.00 -1.20
CA LYS A 69 -2.38 -9.56 -1.78
C LYS A 69 -2.58 -9.31 -3.27
N GLU A 70 -3.38 -10.16 -3.90
CA GLU A 70 -3.64 -10.02 -5.33
C GLU A 70 -4.31 -8.69 -5.59
N MET A 71 -5.30 -8.38 -4.75
CA MET A 71 -6.03 -7.13 -4.89
C MET A 71 -5.12 -5.96 -4.52
N LYS A 72 -4.35 -6.11 -3.45
CA LYS A 72 -3.43 -5.07 -3.02
C LYS A 72 -2.53 -4.71 -4.22
N ALA A 73 -1.93 -5.73 -4.82
CA ALA A 73 -1.04 -5.53 -5.95
C ALA A 73 -1.61 -4.60 -7.01
N LYS A 74 -2.82 -4.87 -7.48
CA LYS A 74 -3.39 -4.01 -8.51
C LYS A 74 -3.65 -2.62 -7.97
N ALA A 75 -4.21 -2.53 -6.76
CA ALA A 75 -4.49 -1.23 -6.15
C ALA A 75 -3.23 -0.36 -6.16
N SER A 76 -2.08 -1.00 -5.96
CA SER A 76 -0.81 -0.29 -5.92
C SER A 76 -0.38 0.42 -7.21
N THR A 77 -1.19 0.29 -8.26
CA THR A 77 -0.86 0.93 -9.52
C THR A 77 -1.53 2.31 -9.57
N VAL A 78 -2.55 2.46 -8.74
CA VAL A 78 -3.35 3.68 -8.66
C VAL A 78 -2.69 4.90 -8.00
N LYS A 79 -3.04 6.07 -8.52
CA LYS A 79 -2.57 7.33 -7.97
C LYS A 79 -3.81 8.21 -7.87
N ALA A 80 -4.24 8.48 -6.63
CA ALA A 80 -5.44 9.28 -6.37
C ALA A 80 -5.11 10.71 -6.02
N LYS A 81 -5.85 11.64 -6.60
CA LYS A 81 -5.61 13.06 -6.34
C LYS A 81 -6.42 13.56 -5.14
N LEU A 82 -5.99 14.68 -4.59
CA LEU A 82 -6.69 15.28 -3.47
C LEU A 82 -7.74 16.18 -4.12
N LEU A 83 -8.77 16.52 -3.39
CA LEU A 83 -9.77 17.38 -4.00
C LEU A 83 -9.80 18.70 -3.24
N SER A 84 -9.92 19.80 -3.96
CA SER A 84 -9.98 21.11 -3.32
C SER A 84 -11.34 21.23 -2.62
N ILE A 85 -11.42 22.09 -1.61
CA ILE A 85 -12.69 22.27 -0.93
C ILE A 85 -13.78 22.62 -1.94
N GLU A 86 -13.39 23.30 -3.02
CA GLU A 86 -14.33 23.67 -4.08
C GLU A 86 -14.91 22.44 -4.73
N GLU A 87 -14.07 21.69 -5.45
CA GLU A 87 -14.53 20.48 -6.12
C GLU A 87 -15.44 19.65 -5.23
N ALA A 88 -15.00 19.41 -4.01
CA ALA A 88 -15.77 18.64 -3.04
C ALA A 88 -17.14 19.28 -2.80
N CYS A 89 -17.17 20.58 -2.54
CA CYS A 89 -18.44 21.27 -2.30
C CYS A 89 -19.33 21.14 -3.52
N LYS A 90 -18.78 21.44 -4.69
CA LYS A 90 -19.52 21.34 -5.93
C LYS A 90 -20.19 19.98 -6.04
N LEU A 91 -19.62 18.98 -5.37
CA LEU A 91 -20.17 17.63 -5.40
C LEU A 91 -21.32 17.35 -4.43
N THR A 92 -21.55 18.23 -3.45
CA THR A 92 -22.62 18.04 -2.49
C THR A 92 -24.02 18.34 -3.04
N PRO A 93 -24.97 17.43 -2.81
CA PRO A 93 -26.36 17.59 -3.28
C PRO A 93 -27.01 18.80 -2.62
N PRO A 94 -28.04 19.38 -3.25
CA PRO A 94 -28.74 20.54 -2.67
C PRO A 94 -29.70 20.17 -1.54
N HIS A 95 -30.18 18.93 -1.57
CA HIS A 95 -31.10 18.43 -0.57
C HIS A 95 -30.38 17.82 0.66
N SER A 96 -29.09 17.53 0.47
CA SER A 96 -28.23 16.93 1.50
C SER A 96 -28.51 17.47 2.90
N ALA A 97 -28.39 16.60 3.89
CA ALA A 97 -28.64 16.98 5.28
C ALA A 97 -27.83 18.18 5.71
N LYS A 98 -28.49 19.17 6.30
CA LYS A 98 -27.81 20.37 6.77
C LYS A 98 -26.80 20.03 7.85
N SER A 99 -25.84 20.94 8.07
CA SER A 99 -24.83 20.76 9.10
C SER A 99 -25.41 21.16 10.45
N LYS A 100 -24.84 20.64 11.52
CA LYS A 100 -25.34 21.00 12.83
C LYS A 100 -24.49 22.15 13.35
N PHE A 101 -23.69 22.74 12.46
CA PHE A 101 -22.82 23.85 12.86
C PHE A 101 -23.15 25.20 12.21
N GLY A 102 -24.36 25.32 11.66
CA GLY A 102 -24.74 26.61 11.09
C GLY A 102 -24.71 26.80 9.59
N TYR A 103 -24.75 25.71 8.82
CA TYR A 103 -24.76 25.83 7.37
C TYR A 103 -25.40 24.63 6.73
N GLY A 104 -25.81 24.80 5.48
CA GLY A 104 -26.46 23.71 4.79
C GLY A 104 -25.87 23.50 3.41
N ALA A 105 -26.42 22.52 2.71
CA ALA A 105 -25.99 22.17 1.38
C ALA A 105 -25.94 23.42 0.52
N LYS A 106 -27.00 24.21 0.58
CA LYS A 106 -27.09 25.45 -0.18
C LYS A 106 -25.82 26.27 0.00
N ASP A 107 -25.49 26.57 1.26
CA ASP A 107 -24.31 27.35 1.58
C ASP A 107 -23.02 26.67 1.12
N VAL A 108 -22.94 25.35 1.33
CA VAL A 108 -21.78 24.57 0.92
C VAL A 108 -21.53 24.71 -0.57
N ARG A 109 -22.59 24.70 -1.36
CA ARG A 109 -22.46 24.85 -2.81
C ARG A 109 -22.08 26.29 -3.19
N ASN A 110 -22.60 27.25 -2.44
CA ASN A 110 -22.29 28.66 -2.71
C ASN A 110 -20.91 29.00 -2.18
N LEU A 111 -20.18 27.99 -1.72
CA LEU A 111 -18.87 28.20 -1.15
C LEU A 111 -18.97 29.30 -0.08
N SER A 112 -20.08 29.30 0.63
CA SER A 112 -20.35 30.26 1.68
C SER A 112 -19.24 30.28 2.73
N SER A 113 -18.78 31.50 3.04
CA SER A 113 -17.74 31.73 4.01
C SER A 113 -17.86 30.80 5.23
N ARG A 114 -18.96 30.91 5.96
CA ARG A 114 -19.14 30.09 7.15
C ARG A 114 -18.94 28.60 6.89
N ALA A 115 -19.54 28.10 5.82
CA ALA A 115 -19.43 26.69 5.48
C ALA A 115 -17.98 26.26 5.25
N VAL A 116 -17.36 26.85 4.22
CA VAL A 116 -15.98 26.55 3.85
C VAL A 116 -14.99 26.68 5.00
N ASN A 117 -15.26 27.55 5.96
CA ASN A 117 -14.35 27.72 7.07
C ASN A 117 -14.43 26.56 8.04
N HIS A 118 -15.64 26.12 8.33
CA HIS A 118 -15.87 25.00 9.23
C HIS A 118 -15.32 23.74 8.59
N ILE A 119 -15.58 23.58 7.31
CA ILE A 119 -15.09 22.43 6.56
C ILE A 119 -13.57 22.37 6.76
N ARG A 120 -12.94 23.52 6.54
CA ARG A 120 -11.50 23.66 6.66
C ARG A 120 -11.05 23.26 8.06
N SER A 121 -11.85 23.58 9.07
CA SER A 121 -11.52 23.24 10.45
C SER A 121 -11.65 21.74 10.70
N VAL A 122 -12.67 21.13 10.09
CA VAL A 122 -12.87 19.70 10.26
C VAL A 122 -11.72 18.91 9.65
N TRP A 123 -11.22 19.38 8.52
CA TRP A 123 -10.10 18.73 7.84
C TRP A 123 -8.91 18.81 8.78
N GLU A 124 -8.54 20.04 9.14
CA GLU A 124 -7.44 20.25 10.04
C GLU A 124 -7.52 19.29 11.21
N ASP A 125 -8.73 19.04 11.71
CA ASP A 125 -8.90 18.14 12.83
C ASP A 125 -8.63 16.68 12.47
N LEU A 126 -8.95 16.29 11.24
CA LEU A 126 -8.69 14.91 10.82
C LEU A 126 -7.20 14.69 10.72
N LEU A 127 -6.46 15.75 10.43
CA LEU A 127 -5.01 15.63 10.34
C LEU A 127 -4.34 15.56 11.71
N GLU A 128 -4.95 16.17 12.72
CA GLU A 128 -4.39 16.19 14.08
C GLU A 128 -4.85 15.08 15.04
N ASP A 129 -6.16 14.87 15.11
CA ASP A 129 -6.73 13.86 15.99
C ASP A 129 -6.89 12.55 15.21
N THR A 130 -6.08 11.56 15.54
CA THR A 130 -6.14 10.29 14.84
C THR A 130 -6.99 9.27 15.57
N GLU A 131 -7.42 9.63 16.78
CA GLU A 131 -8.18 8.71 17.62
C GLU A 131 -9.68 8.94 17.78
N THR A 132 -10.05 10.06 18.40
CA THR A 132 -11.46 10.41 18.67
C THR A 132 -12.56 9.96 17.73
N PRO A 133 -13.49 9.14 18.22
CA PRO A 133 -14.58 8.69 17.35
C PRO A 133 -15.39 9.90 16.89
N ILE A 134 -15.82 9.88 15.63
CA ILE A 134 -16.60 10.96 15.08
C ILE A 134 -18.07 10.65 15.32
N ASP A 135 -18.86 11.67 15.66
CA ASP A 135 -20.27 11.46 15.93
C ASP A 135 -21.06 11.22 14.65
N THR A 136 -22.12 10.43 14.76
CA THR A 136 -22.99 10.14 13.63
C THR A 136 -24.45 10.13 14.04
N THR A 137 -25.32 10.25 13.05
CA THR A 137 -26.75 10.25 13.30
C THR A 137 -27.35 8.97 12.74
N ILE A 138 -28.38 8.48 13.41
CA ILE A 138 -29.04 7.27 12.95
C ILE A 138 -30.49 7.65 12.68
N MET A 139 -31.05 7.13 11.59
CA MET A 139 -32.41 7.43 11.20
C MET A 139 -33.03 6.21 10.55
N ALA A 140 -34.34 6.08 10.71
CA ALA A 140 -35.03 4.98 10.06
C ALA A 140 -35.28 5.53 8.66
N LYS A 141 -34.70 4.86 7.66
CA LYS A 141 -34.84 5.26 6.28
C LYS A 141 -36.31 5.05 5.91
N SER A 142 -36.86 5.95 5.10
CA SER A 142 -38.25 5.82 4.68
C SER A 142 -38.34 5.45 3.19
N GLU A 143 -38.61 4.18 2.91
CA GLU A 143 -38.71 3.73 1.52
C GLU A 143 -40.12 3.18 1.26
N VAL A 144 -40.46 3.07 -0.02
CA VAL A 144 -41.77 2.56 -0.42
C VAL A 144 -41.74 1.12 -0.95
N PHE A 145 -42.73 0.33 -0.54
CA PHE A 145 -42.83 -1.06 -0.95
C PHE A 145 -44.28 -1.47 -1.10
N CYS A 146 -44.48 -2.71 -1.55
CA CYS A 146 -45.80 -3.27 -1.73
C CYS A 146 -45.93 -4.35 -0.66
N VAL A 147 -47.13 -4.61 -0.18
CA VAL A 147 -47.32 -5.64 0.84
C VAL A 147 -46.95 -7.01 0.26
N GLN A 148 -46.84 -8.01 1.12
CA GLN A 148 -46.50 -9.35 0.67
C GLN A 148 -47.22 -10.40 1.49
N PRO A 149 -47.63 -11.50 0.82
CA PRO A 149 -48.35 -12.64 1.40
C PRO A 149 -47.82 -13.09 2.77
N GLY A 153 -45.10 -10.15 6.52
CA GLY A 153 -45.92 -8.89 6.66
C GLY A 153 -45.42 -7.74 5.81
N ARG A 154 -44.71 -6.80 6.43
CA ARG A 154 -44.14 -5.65 5.75
C ARG A 154 -42.66 -5.62 6.07
N LYS A 155 -41.88 -4.86 5.30
CA LYS A 155 -40.45 -4.80 5.56
C LYS A 155 -40.21 -3.70 6.57
N PRO A 156 -39.50 -4.00 7.67
CA PRO A 156 -39.19 -3.01 8.71
C PRO A 156 -38.18 -2.01 8.18
N ALA A 157 -38.27 -0.76 8.63
CA ALA A 157 -37.37 0.29 8.15
C ALA A 157 -35.90 -0.09 8.16
N ARG A 158 -35.17 0.48 7.20
CA ARG A 158 -33.75 0.25 7.06
C ARG A 158 -33.07 1.39 7.83
N LEU A 159 -32.00 1.09 8.53
CA LEU A 159 -31.31 2.10 9.31
C LEU A 159 -30.15 2.72 8.56
N ILE A 160 -30.09 4.05 8.58
CA ILE A 160 -29.01 4.75 7.92
C ILE A 160 -28.16 5.50 8.94
N VAL A 161 -26.86 5.34 8.87
CA VAL A 161 -25.97 6.02 9.80
C VAL A 161 -25.13 6.98 8.97
N PHE A 162 -25.03 8.23 9.39
CA PHE A 162 -24.24 9.16 8.62
C PHE A 162 -23.65 10.27 9.46
N PRO A 163 -22.46 10.73 9.09
CA PRO A 163 -21.77 11.79 9.81
C PRO A 163 -22.35 13.13 9.36
N ASP A 164 -21.88 14.19 9.99
CA ASP A 164 -22.31 15.56 9.68
C ASP A 164 -21.80 16.02 8.30
N LEU A 165 -22.46 17.03 7.74
CA LEU A 165 -22.07 17.56 6.43
C LEU A 165 -20.62 17.99 6.35
N GLY A 166 -20.09 18.44 7.48
CA GLY A 166 -18.72 18.88 7.51
C GLY A 166 -17.82 17.71 7.17
N VAL A 167 -17.91 16.67 8.00
CA VAL A 167 -17.11 15.48 7.79
C VAL A 167 -17.40 14.89 6.41
N ARG A 168 -18.61 15.06 5.93
CA ARG A 168 -19.01 14.53 4.61
C ARG A 168 -18.24 15.16 3.46
N VAL A 169 -18.01 16.47 3.51
CA VAL A 169 -17.27 17.14 2.44
C VAL A 169 -15.80 16.70 2.47
N CYS A 170 -15.24 16.58 3.66
CA CYS A 170 -13.84 16.16 3.77
C CYS A 170 -13.67 14.78 3.17
N GLU A 171 -14.59 13.86 3.47
CA GLU A 171 -14.52 12.50 2.94
C GLU A 171 -14.32 12.61 1.42
N LYS A 172 -15.09 13.48 0.80
CA LYS A 172 -15.00 13.67 -0.63
C LYS A 172 -13.60 14.12 -0.98
N MET A 173 -13.09 15.09 -0.25
CA MET A 173 -11.75 15.61 -0.53
C MET A 173 -10.66 14.56 -0.45
N ALA A 174 -10.72 13.75 0.59
CA ALA A 174 -9.69 12.75 0.79
C ALA A 174 -9.88 11.46 0.03
N LEU A 175 -11.13 11.04 -0.14
CA LEU A 175 -11.42 9.76 -0.80
C LEU A 175 -12.30 9.75 -2.05
N TYR A 176 -12.74 10.90 -2.53
CA TYR A 176 -13.59 10.86 -3.71
C TYR A 176 -12.88 10.25 -4.92
N ASP A 177 -11.72 10.80 -5.28
CA ASP A 177 -11.00 10.27 -6.43
C ASP A 177 -10.73 8.78 -6.22
N VAL A 178 -10.43 8.40 -4.98
CA VAL A 178 -10.12 7.01 -4.67
C VAL A 178 -11.29 6.07 -4.96
N VAL A 179 -12.43 6.29 -4.31
CA VAL A 179 -13.60 5.42 -4.49
C VAL A 179 -14.19 5.48 -5.90
N SER A 180 -13.61 6.28 -6.77
CA SER A 180 -14.12 6.40 -8.13
C SER A 180 -13.27 5.64 -9.12
N THR A 181 -11.98 5.50 -8.82
CA THR A 181 -11.12 4.78 -9.74
C THR A 181 -10.68 3.42 -9.23
N LEU A 182 -10.12 3.38 -8.03
CA LEU A 182 -9.63 2.15 -7.44
C LEU A 182 -10.42 0.85 -7.67
N PRO A 183 -11.74 0.84 -7.45
CA PRO A 183 -12.50 -0.40 -7.66
C PRO A 183 -12.30 -1.03 -9.04
N GLN A 184 -12.33 -0.20 -10.08
CA GLN A 184 -12.16 -0.69 -11.45
C GLN A 184 -10.77 -1.29 -11.63
N ALA A 185 -9.78 -0.57 -11.16
CA ALA A 185 -8.41 -1.01 -11.24
C ALA A 185 -8.19 -2.33 -10.51
N VAL A 186 -8.91 -2.54 -9.41
CA VAL A 186 -8.74 -3.75 -8.62
C VAL A 186 -9.54 -4.96 -9.08
N MET A 187 -10.82 -4.75 -9.35
CA MET A 187 -11.69 -5.84 -9.75
C MET A 187 -11.88 -6.00 -11.26
N GLY A 188 -11.55 -4.97 -12.02
CA GLY A 188 -11.68 -5.03 -13.47
C GLY A 188 -13.08 -5.32 -13.99
N SER A 189 -13.17 -6.27 -14.91
CA SER A 189 -14.44 -6.65 -15.52
C SER A 189 -15.51 -7.01 -14.48
N SER A 190 -15.10 -7.21 -13.23
CA SER A 190 -16.06 -7.60 -12.23
C SER A 190 -16.78 -6.46 -11.53
N TYR A 191 -16.26 -5.24 -11.66
CA TYR A 191 -16.86 -4.08 -11.03
C TYR A 191 -18.13 -3.68 -11.74
N GLY A 192 -19.26 -4.06 -11.15
CA GLY A 192 -20.56 -3.80 -11.76
C GLY A 192 -21.03 -2.38 -12.04
N PHE A 193 -20.45 -1.39 -11.38
CA PHE A 193 -20.86 0.00 -11.58
C PHE A 193 -20.23 0.68 -12.78
N GLN A 194 -19.27 0.01 -13.41
CA GLN A 194 -18.62 0.59 -14.59
C GLN A 194 -19.56 0.45 -15.79
N TYR A 195 -20.50 -0.49 -15.68
CA TYR A 195 -21.44 -0.78 -16.75
C TYR A 195 -22.76 -0.01 -16.68
N SER A 196 -23.42 0.03 -17.82
CA SER A 196 -24.73 0.67 -17.92
C SER A 196 -25.63 -0.56 -17.98
N PRO A 197 -26.95 -0.39 -17.98
CA PRO A 197 -27.76 -1.60 -18.05
C PRO A 197 -27.38 -2.51 -19.22
N LYS A 198 -27.27 -1.91 -20.40
CA LYS A 198 -26.94 -2.67 -21.60
C LYS A 198 -25.56 -3.32 -21.51
N GLN A 199 -24.59 -2.58 -20.99
CA GLN A 199 -23.24 -3.09 -20.87
C GLN A 199 -23.20 -4.22 -19.84
N ARG A 200 -24.06 -4.10 -18.82
CA ARG A 200 -24.12 -5.12 -17.79
C ARG A 200 -24.66 -6.39 -18.43
N VAL A 201 -25.78 -6.25 -19.13
CA VAL A 201 -26.40 -7.39 -19.80
C VAL A 201 -25.36 -8.06 -20.70
N GLU A 202 -24.62 -7.25 -21.45
CA GLU A 202 -23.61 -7.78 -22.32
C GLU A 202 -22.60 -8.59 -21.50
N PHE A 203 -22.08 -7.99 -20.44
CA PHE A 203 -21.11 -8.68 -19.60
C PHE A 203 -21.68 -10.00 -19.09
N LEU A 204 -22.92 -9.96 -18.58
CA LEU A 204 -23.51 -11.18 -18.08
C LEU A 204 -23.66 -12.24 -19.17
N VAL A 205 -24.19 -11.85 -20.35
CA VAL A 205 -24.37 -12.82 -21.42
C VAL A 205 -23.06 -13.34 -22.02
N ASN A 206 -22.04 -12.48 -22.15
CA ASN A 206 -20.78 -12.95 -22.70
C ASN A 206 -20.16 -13.99 -21.76
N THR A 207 -20.09 -13.64 -20.49
CA THR A 207 -19.55 -14.52 -19.45
C THR A 207 -20.27 -15.85 -19.50
N TRP A 208 -21.59 -15.78 -19.53
CA TRP A 208 -22.41 -16.98 -19.55
C TRP A 208 -22.07 -17.87 -20.73
N LYS A 209 -21.93 -17.26 -21.90
CA LYS A 209 -21.60 -18.03 -23.09
C LYS A 209 -20.16 -18.50 -23.12
N SER A 210 -19.23 -17.73 -22.57
CA SER A 210 -17.84 -18.15 -22.58
C SER A 210 -17.60 -19.47 -21.82
N LYS A 211 -18.64 -20.06 -21.27
CA LYS A 211 -18.46 -21.31 -20.53
C LYS A 211 -18.86 -22.56 -21.31
N LYS A 212 -18.08 -23.63 -21.14
CA LYS A 212 -18.35 -24.91 -21.80
C LYS A 212 -19.79 -25.27 -21.46
N CYS A 213 -20.09 -25.27 -20.16
CA CYS A 213 -21.43 -25.56 -19.65
C CYS A 213 -21.63 -24.71 -18.39
N PRO A 214 -22.23 -23.53 -18.56
CA PRO A 214 -22.52 -22.55 -17.51
C PRO A 214 -23.28 -23.01 -16.27
N MET A 215 -23.04 -22.28 -15.18
CA MET A 215 -23.69 -22.49 -13.90
C MET A 215 -23.54 -21.14 -13.22
N GLY A 216 -24.59 -20.67 -12.56
CA GLY A 216 -24.48 -19.38 -11.92
C GLY A 216 -25.42 -19.19 -10.76
N PHE A 217 -25.06 -18.28 -9.88
CA PHE A 217 -25.90 -18.02 -8.73
C PHE A 217 -25.67 -16.63 -8.20
N SER A 218 -26.66 -16.19 -7.44
CA SER A 218 -26.65 -14.89 -6.79
C SER A 218 -26.51 -15.23 -5.31
N TYR A 219 -25.59 -14.57 -4.64
CA TYR A 219 -25.40 -14.81 -3.23
C TYR A 219 -25.91 -13.60 -2.48
N ASP A 220 -26.92 -13.82 -1.64
CA ASP A 220 -27.50 -12.75 -0.84
C ASP A 220 -27.06 -12.85 0.61
N THR A 221 -26.17 -11.95 1.00
CA THR A 221 -25.66 -11.89 2.36
C THR A 221 -26.75 -11.30 3.24
N ARG A 222 -26.91 -11.84 4.43
CA ARG A 222 -27.90 -11.36 5.38
C ARG A 222 -27.45 -10.04 5.99
N CYS A 223 -28.10 -8.94 5.61
CA CYS A 223 -27.74 -7.62 6.15
C CYS A 223 -26.22 -7.42 6.11
N PHE A 224 -25.68 -7.32 4.91
CA PHE A 224 -24.24 -7.17 4.69
C PHE A 224 -23.50 -6.17 5.56
N ASP A 225 -24.01 -4.96 5.69
CA ASP A 225 -23.35 -3.94 6.50
C ASP A 225 -22.95 -4.44 7.89
N SER A 226 -23.94 -4.89 8.66
CA SER A 226 -23.68 -5.37 10.01
C SER A 226 -22.70 -6.55 10.07
N THR A 227 -22.48 -7.21 8.94
CA THR A 227 -21.58 -8.35 8.91
C THR A 227 -20.15 -7.89 8.74
N VAL A 228 -19.96 -6.65 8.28
CA VAL A 228 -18.61 -6.13 8.09
C VAL A 228 -17.97 -5.92 9.45
N THR A 229 -16.75 -6.45 9.60
CA THR A 229 -16.02 -6.40 10.85
C THR A 229 -14.95 -5.35 10.85
N GLU A 230 -14.51 -4.96 12.04
CA GLU A 230 -13.44 -3.97 12.15
C GLU A 230 -12.22 -4.41 11.35
N SER A 231 -12.04 -5.72 11.20
CA SER A 231 -10.92 -6.23 10.43
C SER A 231 -11.12 -5.89 8.96
N ASP A 232 -12.35 -6.09 8.48
CA ASP A 232 -12.73 -5.81 7.09
C ASP A 232 -12.41 -4.38 6.68
N ILE A 233 -12.87 -3.44 7.50
CA ILE A 233 -12.68 -2.02 7.25
C ILE A 233 -11.18 -1.65 7.20
N ARG A 234 -10.40 -2.24 8.11
CA ARG A 234 -8.96 -2.00 8.17
C ARG A 234 -8.31 -2.59 6.91
N VAL A 235 -8.75 -3.78 6.55
CA VAL A 235 -8.22 -4.44 5.36
C VAL A 235 -8.58 -3.58 4.15
N GLU A 236 -9.81 -3.09 4.14
CA GLU A 236 -10.28 -2.24 3.07
C GLU A 236 -9.39 -1.00 2.98
N GLU A 237 -9.04 -0.42 4.13
CA GLU A 237 -8.17 0.75 4.13
C GLU A 237 -6.79 0.39 3.59
N SER A 238 -6.28 -0.79 3.93
CA SER A 238 -4.95 -1.17 3.46
C SER A 238 -4.88 -1.10 1.93
N ILE A 239 -5.96 -1.51 1.25
CA ILE A 239 -5.99 -1.45 -0.20
C ILE A 239 -5.83 0.03 -0.58
N TYR A 240 -6.63 0.89 0.04
CA TYR A 240 -6.56 2.31 -0.23
C TYR A 240 -5.15 2.83 -0.02
N GLN A 241 -4.53 2.40 1.08
CA GLN A 241 -3.18 2.84 1.40
C GLN A 241 -2.14 2.51 0.31
N CYS A 242 -2.49 1.63 -0.62
CA CYS A 242 -1.55 1.27 -1.67
C CYS A 242 -1.48 2.35 -2.73
N CYS A 243 -2.49 3.23 -2.75
CA CYS A 243 -2.53 4.31 -3.71
C CYS A 243 -1.45 5.34 -3.43
N ASP A 244 -1.09 6.09 -4.46
CA ASP A 244 -0.11 7.15 -4.30
C ASP A 244 -0.95 8.32 -3.86
N LEU A 245 -0.84 8.69 -2.59
CA LEU A 245 -1.65 9.78 -2.04
C LEU A 245 -0.84 10.90 -1.41
N ALA A 246 -1.43 12.09 -1.41
CA ALA A 246 -0.80 13.25 -0.80
C ALA A 246 -0.77 12.94 0.69
N PRO A 247 0.24 13.43 1.42
CA PRO A 247 0.29 13.14 2.86
C PRO A 247 -1.05 13.48 3.50
N GLU A 248 -1.51 14.70 3.26
CA GLU A 248 -2.77 15.18 3.79
C GLU A 248 -3.89 14.14 3.63
N ALA A 249 -3.97 13.54 2.45
CA ALA A 249 -5.00 12.54 2.21
C ALA A 249 -4.65 11.23 2.86
N ARG A 250 -3.37 10.85 2.85
CA ARG A 250 -2.98 9.60 3.45
C ARG A 250 -3.40 9.58 4.91
N GLN A 251 -3.13 10.68 5.61
CA GLN A 251 -3.49 10.82 7.02
C GLN A 251 -5.00 10.93 7.17
N ALA A 252 -5.62 11.74 6.32
CA ALA A 252 -7.08 11.92 6.38
C ALA A 252 -7.76 10.57 6.29
N ILE A 253 -7.27 9.71 5.41
CA ILE A 253 -7.85 8.37 5.26
C ILE A 253 -7.64 7.54 6.53
N ARG A 254 -6.39 7.54 7.00
CA ARG A 254 -6.01 6.82 8.22
C ARG A 254 -6.95 7.24 9.35
N SER A 255 -7.19 8.55 9.47
CA SER A 255 -8.04 9.05 10.52
C SER A 255 -9.49 8.67 10.31
N LEU A 256 -9.99 8.87 9.11
CA LEU A 256 -11.38 8.52 8.81
C LEU A 256 -11.64 7.05 9.13
N THR A 257 -10.66 6.18 8.87
CA THR A 257 -10.82 4.77 9.13
C THR A 257 -11.05 4.52 10.61
N GLU A 258 -10.15 5.02 11.46
CA GLU A 258 -10.23 4.83 12.90
C GLU A 258 -11.33 5.62 13.61
N ARG A 259 -11.62 6.83 13.12
CA ARG A 259 -12.61 7.67 13.75
C ARG A 259 -14.04 7.52 13.27
N LEU A 260 -14.24 6.98 12.06
CA LEU A 260 -15.58 6.87 11.49
C LEU A 260 -15.98 5.53 10.85
N TYR A 261 -15.16 5.04 9.93
CA TYR A 261 -15.51 3.80 9.24
C TYR A 261 -15.62 2.54 10.11
N ILE A 262 -14.61 2.24 10.92
CA ILE A 262 -14.69 1.04 11.74
C ILE A 262 -15.78 1.06 12.76
N GLY A 263 -16.31 2.25 13.04
CA GLY A 263 -17.37 2.33 14.03
C GLY A 263 -17.44 3.68 14.72
N GLY A 264 -18.38 3.82 15.64
CA GLY A 264 -18.52 5.07 16.35
C GLY A 264 -19.86 5.21 17.01
N PRO A 265 -20.03 6.24 17.85
CA PRO A 265 -21.27 6.55 18.59
C PRO A 265 -22.49 6.81 17.71
N LEU A 266 -23.68 6.49 18.22
CA LEU A 266 -24.92 6.72 17.48
C LEU A 266 -25.82 7.73 18.20
N THR A 267 -26.23 8.77 17.48
CA THR A 267 -27.09 9.82 18.04
C THR A 267 -28.43 9.93 17.29
N ASN A 268 -29.55 9.87 18.00
CA ASN A 268 -30.83 10.00 17.31
C ASN A 268 -31.14 11.44 16.96
N SER A 269 -32.25 11.67 16.25
CA SER A 269 -32.63 13.01 15.83
C SER A 269 -32.79 13.96 17.00
N LYS A 270 -33.24 13.45 18.14
CA LYS A 270 -33.43 14.26 19.35
C LYS A 270 -32.10 14.78 19.93
N GLY A 271 -31.02 14.05 19.67
CA GLY A 271 -29.73 14.45 20.16
C GLY A 271 -29.24 13.48 21.22
N GLN A 272 -29.96 12.38 21.42
CA GLN A 272 -29.58 11.40 22.43
C GLN A 272 -28.70 10.26 21.93
N ASN A 273 -27.90 9.76 22.86
CA ASN A 273 -27.00 8.64 22.62
C ASN A 273 -27.81 7.36 22.46
N CYS A 274 -27.80 6.75 21.28
CA CYS A 274 -28.55 5.52 21.07
C CYS A 274 -27.70 4.27 21.27
N GLY A 275 -26.42 4.40 21.01
CA GLY A 275 -25.55 3.26 21.16
C GLY A 275 -24.29 3.41 20.34
N TYR A 276 -23.62 2.29 20.08
CA TYR A 276 -22.38 2.29 19.32
C TYR A 276 -22.49 1.45 18.05
N ARG A 277 -21.59 1.71 17.10
CA ARG A 277 -21.55 0.97 15.84
C ARG A 277 -20.18 0.37 15.65
N ARG A 278 -20.15 -0.90 15.25
CA ARG A 278 -18.89 -1.59 15.01
C ARG A 278 -18.92 -2.32 13.67
N CYS A 279 -19.75 -1.79 12.77
CA CYS A 279 -19.87 -2.36 11.43
C CYS A 279 -19.98 -1.18 10.47
N ARG A 280 -20.18 -1.50 9.19
CA ARG A 280 -20.29 -0.50 8.13
C ARG A 280 -21.38 0.53 8.40
N ALA A 281 -21.06 1.80 8.15
CA ALA A 281 -22.04 2.85 8.32
C ALA A 281 -22.56 3.06 6.92
N SER A 282 -23.88 3.03 6.75
CA SER A 282 -24.46 3.18 5.42
C SER A 282 -24.35 4.56 4.77
N GLY A 283 -24.23 5.61 5.57
CA GLY A 283 -24.19 6.95 5.00
C GLY A 283 -22.84 7.61 4.73
N VAL A 284 -21.81 6.80 4.56
CA VAL A 284 -20.47 7.32 4.29
C VAL A 284 -20.04 7.12 2.84
N LEU A 285 -19.08 7.93 2.40
CA LEU A 285 -18.60 7.86 1.03
C LEU A 285 -18.00 6.50 0.67
N THR A 286 -17.29 5.89 1.61
CA THR A 286 -16.67 4.61 1.32
C THR A 286 -17.59 3.40 1.37
N THR A 287 -18.87 3.60 1.63
CA THR A 287 -19.78 2.46 1.72
C THR A 287 -19.82 1.58 0.46
N SER A 288 -20.21 2.16 -0.66
CA SER A 288 -20.32 1.42 -1.91
C SER A 288 -19.01 0.79 -2.38
N CYS A 289 -17.92 1.53 -2.30
CA CYS A 289 -16.64 0.99 -2.73
C CYS A 289 -16.21 -0.10 -1.77
N GLY A 290 -16.28 0.22 -0.48
CA GLY A 290 -15.90 -0.72 0.55
C GLY A 290 -16.67 -2.02 0.52
N ASN A 291 -17.98 -1.95 0.40
CA ASN A 291 -18.75 -3.18 0.35
C ASN A 291 -18.39 -4.00 -0.89
N THR A 292 -18.16 -3.33 -2.03
CA THR A 292 -17.81 -4.06 -3.24
C THR A 292 -16.46 -4.77 -3.07
N LEU A 293 -15.48 -4.05 -2.51
CA LEU A 293 -14.18 -4.64 -2.27
C LEU A 293 -14.31 -5.84 -1.34
N THR A 294 -14.97 -5.64 -0.20
CA THR A 294 -15.15 -6.70 0.77
C THR A 294 -15.87 -7.92 0.22
N CYS A 295 -16.99 -7.70 -0.45
CA CYS A 295 -17.78 -8.78 -1.02
C CYS A 295 -16.97 -9.57 -2.05
N TYR A 296 -16.27 -8.84 -2.90
CA TYR A 296 -15.44 -9.45 -3.91
C TYR A 296 -14.35 -10.29 -3.26
N LEU A 297 -13.62 -9.68 -2.33
CA LEU A 297 -12.54 -10.34 -1.63
C LEU A 297 -12.97 -11.69 -1.08
N LYS A 298 -14.03 -11.69 -0.29
CA LYS A 298 -14.53 -12.92 0.32
C LYS A 298 -15.00 -13.95 -0.69
N ALA A 299 -15.86 -13.54 -1.61
CA ALA A 299 -16.38 -14.44 -2.63
C ALA A 299 -15.28 -15.05 -3.51
N THR A 300 -14.30 -14.25 -3.88
CA THR A 300 -13.22 -14.74 -4.73
C THR A 300 -12.43 -15.84 -4.06
N ALA A 301 -12.18 -15.65 -2.76
CA ALA A 301 -11.43 -16.61 -1.97
C ALA A 301 -12.33 -17.78 -1.64
N ALA A 302 -13.62 -17.50 -1.47
CA ALA A 302 -14.59 -18.53 -1.15
C ALA A 302 -14.76 -19.50 -2.32
N CYS A 303 -14.43 -19.05 -3.52
CA CYS A 303 -14.57 -19.91 -4.69
C CYS A 303 -13.41 -20.87 -4.85
N ARG A 304 -12.29 -20.55 -4.21
CA ARG A 304 -11.11 -21.38 -4.27
C ARG A 304 -11.25 -22.42 -3.19
N ALA A 305 -11.85 -22.03 -2.08
CA ALA A 305 -12.03 -22.95 -0.98
C ALA A 305 -12.97 -24.06 -1.45
N ALA A 306 -14.13 -23.63 -1.95
CA ALA A 306 -15.17 -24.52 -2.42
C ALA A 306 -14.85 -25.27 -3.70
N LYS A 307 -13.76 -24.87 -4.34
CA LYS A 307 -13.30 -25.49 -5.59
C LYS A 307 -14.26 -25.42 -6.78
N LEU A 308 -14.94 -24.29 -6.93
CA LEU A 308 -15.82 -24.08 -8.06
C LEU A 308 -14.81 -23.77 -9.17
N GLN A 309 -15.08 -24.14 -10.42
CA GLN A 309 -14.10 -23.87 -11.48
C GLN A 309 -14.38 -22.64 -12.32
N ASP A 310 -13.33 -21.85 -12.56
CA ASP A 310 -13.42 -20.63 -13.37
C ASP A 310 -14.56 -19.70 -12.98
N CYS A 311 -14.48 -19.13 -11.79
CA CYS A 311 -15.50 -18.23 -11.29
C CYS A 311 -15.35 -16.88 -11.95
N THR A 312 -16.47 -16.20 -12.13
CA THR A 312 -16.44 -14.87 -12.69
C THR A 312 -17.43 -14.12 -11.82
N MET A 313 -16.98 -13.02 -11.20
CA MET A 313 -17.86 -12.29 -10.32
C MET A 313 -18.35 -10.99 -10.90
N LEU A 314 -19.57 -10.63 -10.53
CA LEU A 314 -20.14 -9.36 -10.91
C LEU A 314 -20.58 -8.78 -9.57
N VAL A 315 -19.92 -7.72 -9.13
CA VAL A 315 -20.23 -7.15 -7.84
C VAL A 315 -20.66 -5.68 -7.89
N ASN A 316 -21.74 -5.39 -7.15
CA ASN A 316 -22.27 -4.04 -7.04
C ASN A 316 -22.52 -3.84 -5.55
N GLY A 317 -21.51 -3.41 -4.82
CA GLY A 317 -21.69 -3.21 -3.40
C GLY A 317 -21.86 -4.56 -2.71
N ASP A 318 -22.94 -4.74 -1.96
CA ASP A 318 -23.16 -5.99 -1.25
C ASP A 318 -23.88 -7.01 -2.11
N ASP A 319 -24.14 -6.62 -3.34
CA ASP A 319 -24.87 -7.46 -4.29
C ASP A 319 -23.92 -8.33 -5.10
N LEU A 320 -24.04 -9.64 -4.97
CA LEU A 320 -23.12 -10.53 -5.70
C LEU A 320 -23.76 -11.59 -6.58
N VAL A 321 -23.12 -11.87 -7.71
CA VAL A 321 -23.56 -12.91 -8.64
C VAL A 321 -22.32 -13.58 -9.24
N VAL A 322 -22.31 -14.91 -9.23
CA VAL A 322 -21.17 -15.64 -9.73
C VAL A 322 -21.59 -16.53 -10.92
N ILE A 323 -20.72 -16.65 -11.92
CA ILE A 323 -20.97 -17.51 -13.07
C ILE A 323 -19.74 -18.39 -13.22
N CYS A 324 -19.94 -19.69 -13.41
CA CYS A 324 -18.81 -20.60 -13.54
C CYS A 324 -19.08 -21.87 -14.32
N GLU A 325 -18.01 -22.64 -14.54
CA GLU A 325 -18.10 -23.91 -15.27
C GLU A 325 -18.73 -24.95 -14.37
N SER A 326 -19.83 -25.54 -14.81
CA SER A 326 -20.50 -26.54 -14.00
C SER A 326 -19.67 -27.81 -13.97
N ALA A 327 -19.89 -28.63 -12.94
CA ALA A 327 -19.17 -29.89 -12.81
C ALA A 327 -20.16 -31.04 -12.70
N GLY A 328 -21.44 -30.72 -12.78
CA GLY A 328 -22.49 -31.73 -12.67
C GLY A 328 -23.53 -31.23 -11.70
N THR A 329 -24.74 -31.78 -11.73
CA THR A 329 -25.78 -31.32 -10.82
C THR A 329 -25.38 -31.54 -9.37
N GLN A 330 -25.07 -32.78 -9.03
CA GLN A 330 -24.66 -33.15 -7.68
C GLN A 330 -23.44 -32.36 -7.19
N GLU A 331 -22.37 -32.40 -7.97
CA GLU A 331 -21.15 -31.71 -7.60
C GLU A 331 -21.38 -30.23 -7.41
N ASP A 332 -22.25 -29.65 -8.25
CA ASP A 332 -22.54 -28.23 -8.19
C ASP A 332 -23.23 -27.78 -6.90
N ALA A 333 -24.13 -28.61 -6.38
CA ALA A 333 -24.82 -28.26 -5.15
C ALA A 333 -23.86 -28.38 -3.98
N ALA A 334 -22.93 -29.33 -4.08
CA ALA A 334 -21.95 -29.53 -3.02
C ALA A 334 -21.02 -28.33 -3.00
N ALA A 335 -20.55 -27.92 -4.18
CA ALA A 335 -19.66 -26.78 -4.29
C ALA A 335 -20.35 -25.53 -3.73
N LEU A 336 -21.55 -25.25 -4.22
CA LEU A 336 -22.28 -24.08 -3.73
C LEU A 336 -22.32 -24.12 -2.19
N ARG A 337 -22.73 -25.25 -1.61
CA ARG A 337 -22.76 -25.33 -0.15
C ARG A 337 -21.39 -25.01 0.42
N ALA A 338 -20.33 -25.60 -0.13
CA ALA A 338 -18.97 -25.35 0.33
C ALA A 338 -18.73 -23.83 0.29
N PHE A 339 -19.10 -23.21 -0.84
CA PHE A 339 -18.96 -21.77 -1.02
C PHE A 339 -19.61 -21.00 0.13
N THR A 340 -20.90 -21.24 0.35
CA THR A 340 -21.61 -20.54 1.42
C THR A 340 -20.87 -20.65 2.75
N GLU A 341 -20.41 -21.84 3.08
CA GLU A 341 -19.70 -22.01 4.34
C GLU A 341 -18.45 -21.15 4.40
N ALA A 342 -17.66 -21.17 3.33
CA ALA A 342 -16.45 -20.38 3.31
C ALA A 342 -16.81 -18.93 3.59
N MET A 343 -17.86 -18.45 2.93
CA MET A 343 -18.32 -17.07 3.09
C MET A 343 -18.81 -16.85 4.51
N THR A 344 -19.44 -17.88 5.09
CA THR A 344 -19.92 -17.75 6.47
C THR A 344 -18.73 -17.56 7.40
N ARG A 345 -17.65 -18.29 7.12
CA ARG A 345 -16.44 -18.17 7.93
C ARG A 345 -15.90 -16.75 7.83
N TYR A 346 -15.92 -16.21 6.60
CA TYR A 346 -15.45 -14.86 6.33
C TYR A 346 -16.38 -13.80 6.89
N SER A 347 -17.41 -14.23 7.60
CA SER A 347 -18.36 -13.29 8.18
C SER A 347 -19.23 -12.65 7.10
N ALA A 348 -19.87 -13.51 6.31
CA ALA A 348 -20.77 -13.07 5.27
C ALA A 348 -21.72 -14.24 5.05
N PRO A 349 -22.51 -14.56 6.09
CA PRO A 349 -23.50 -15.64 6.08
C PRO A 349 -24.61 -15.26 5.12
N PRO A 350 -25.27 -16.26 4.52
CA PRO A 350 -26.34 -15.99 3.58
C PRO A 350 -27.66 -15.68 4.25
N GLY A 351 -28.54 -15.04 3.50
CA GLY A 351 -29.88 -14.77 4.01
C GLY A 351 -30.63 -15.95 3.43
N ASP A 352 -30.89 -15.86 2.14
CA ASP A 352 -31.59 -16.93 1.43
C ASP A 352 -30.48 -17.87 0.98
N PRO A 353 -30.64 -19.18 1.23
CA PRO A 353 -29.56 -20.08 0.79
C PRO A 353 -29.45 -20.03 -0.73
N PRO A 354 -28.24 -19.82 -1.25
CA PRO A 354 -28.07 -19.75 -2.70
C PRO A 354 -28.48 -21.04 -3.38
N GLN A 355 -28.99 -20.94 -4.60
CA GLN A 355 -29.40 -22.12 -5.36
C GLN A 355 -28.79 -22.04 -6.75
N PRO A 356 -28.11 -23.11 -7.18
CA PRO A 356 -27.51 -23.10 -8.51
C PRO A 356 -28.54 -22.91 -9.63
N GLU A 357 -28.20 -22.06 -10.60
CA GLU A 357 -29.08 -21.78 -11.72
C GLU A 357 -28.42 -22.16 -13.04
N TYR A 358 -29.16 -22.83 -13.91
CA TYR A 358 -28.61 -23.24 -15.21
C TYR A 358 -29.25 -22.50 -16.38
N ASP A 359 -30.19 -21.61 -16.07
CA ASP A 359 -30.87 -20.80 -17.09
C ASP A 359 -30.68 -19.32 -16.70
N LEU A 360 -29.70 -18.68 -17.33
CA LEU A 360 -29.37 -17.29 -17.08
C LEU A 360 -30.54 -16.34 -16.79
N GLU A 361 -31.65 -16.49 -17.52
CA GLU A 361 -32.78 -15.60 -17.31
C GLU A 361 -33.34 -15.74 -15.89
N LEU A 362 -33.02 -16.85 -15.23
CA LEU A 362 -33.51 -17.09 -13.88
C LEU A 362 -32.63 -16.59 -12.74
N ILE A 363 -31.51 -15.97 -13.07
CA ILE A 363 -30.63 -15.48 -12.03
C ILE A 363 -30.93 -14.03 -11.75
N THR A 364 -31.17 -13.70 -10.48
CA THR A 364 -31.45 -12.32 -10.14
C THR A 364 -30.40 -11.68 -9.26
N SER A 365 -29.82 -10.59 -9.76
CA SER A 365 -28.80 -9.83 -9.07
C SER A 365 -29.19 -8.37 -9.25
N CYS A 366 -28.89 -7.54 -8.26
CA CYS A 366 -29.24 -6.12 -8.33
C CYS A 366 -30.74 -5.99 -8.58
N SER A 367 -31.51 -6.88 -7.96
CA SER A 367 -32.96 -6.89 -8.07
C SER A 367 -33.44 -7.00 -9.52
N SER A 368 -32.49 -7.26 -10.42
CA SER A 368 -32.80 -7.39 -11.84
C SER A 368 -32.26 -8.68 -12.44
N ASN A 369 -32.70 -8.98 -13.66
CA ASN A 369 -32.28 -10.19 -14.36
C ASN A 369 -32.18 -9.92 -15.87
N VAL A 370 -31.72 -10.93 -16.60
CA VAL A 370 -31.57 -10.85 -18.05
C VAL A 370 -32.69 -11.55 -18.80
N SER A 371 -33.27 -10.87 -19.78
CA SER A 371 -34.33 -11.48 -20.58
C SER A 371 -34.13 -11.15 -22.06
N VAL A 372 -34.96 -11.73 -22.91
CA VAL A 372 -34.85 -11.51 -24.36
C VAL A 372 -36.16 -11.15 -25.07
N ALA A 373 -36.06 -10.20 -25.99
CA ALA A 373 -37.19 -9.74 -26.78
C ALA A 373 -36.70 -9.59 -28.21
N HIS A 374 -37.52 -9.02 -29.09
CA HIS A 374 -37.11 -8.88 -30.48
C HIS A 374 -37.26 -7.47 -31.02
N ASP A 375 -36.37 -7.10 -31.93
CA ASP A 375 -36.40 -5.76 -32.53
C ASP A 375 -37.18 -5.80 -33.85
N ALA A 376 -37.32 -4.64 -34.48
CA ALA A 376 -38.05 -4.53 -35.74
C ALA A 376 -37.61 -5.63 -36.70
N SER A 377 -36.31 -5.66 -36.96
CA SER A 377 -35.72 -6.64 -37.85
C SER A 377 -36.14 -8.05 -37.45
N GLY A 378 -36.47 -8.21 -36.17
CA GLY A 378 -36.89 -9.51 -35.68
C GLY A 378 -35.83 -10.35 -35.00
N LYS A 379 -34.64 -9.79 -34.77
CA LYS A 379 -33.59 -10.57 -34.13
C LYS A 379 -33.67 -10.45 -32.61
N ARG A 380 -33.20 -11.49 -31.93
CA ARG A 380 -33.20 -11.49 -30.48
C ARG A 380 -32.37 -10.36 -29.90
N VAL A 381 -32.88 -9.74 -28.85
CA VAL A 381 -32.19 -8.64 -28.18
C VAL A 381 -32.29 -8.81 -26.67
N TYR A 382 -31.15 -8.92 -25.99
CA TYR A 382 -31.16 -9.07 -24.53
C TYR A 382 -31.20 -7.69 -23.90
N TYR A 383 -31.90 -7.57 -22.78
CA TYR A 383 -31.99 -6.29 -22.08
C TYR A 383 -32.14 -6.60 -20.60
N LEU A 384 -31.97 -5.58 -19.75
CA LEU A 384 -32.09 -5.75 -18.32
C LEU A 384 -33.53 -5.44 -17.86
N THR A 385 -34.11 -6.32 -17.06
CA THR A 385 -35.47 -6.12 -16.56
C THR A 385 -35.58 -6.57 -15.12
N ARG A 386 -36.76 -6.42 -14.54
CA ARG A 386 -36.99 -6.80 -13.14
C ARG A 386 -38.47 -6.83 -12.82
N ASP A 387 -38.83 -7.49 -11.74
CA ASP A 387 -40.23 -7.53 -11.34
C ASP A 387 -40.61 -6.06 -11.18
N PRO A 388 -41.75 -5.66 -11.73
CA PRO A 388 -42.20 -4.28 -11.65
C PRO A 388 -42.90 -3.82 -10.37
N THR A 389 -43.17 -4.73 -9.44
CA THR A 389 -43.89 -4.31 -8.26
C THR A 389 -43.36 -3.05 -7.60
N THR A 390 -42.19 -3.13 -6.98
CA THR A 390 -41.67 -1.94 -6.31
C THR A 390 -41.64 -0.67 -7.18
N PRO A 391 -41.07 -0.75 -8.41
CA PRO A 391 -41.04 0.46 -9.24
C PRO A 391 -42.41 1.13 -9.35
N LEU A 392 -43.44 0.34 -9.66
CA LEU A 392 -44.78 0.86 -9.82
C LEU A 392 -45.32 1.45 -8.53
N ALA A 393 -45.19 0.70 -7.43
CA ALA A 393 -45.64 1.13 -6.10
C ALA A 393 -45.08 2.51 -5.78
N ARG A 394 -43.77 2.65 -5.94
CA ARG A 394 -43.12 3.92 -5.70
C ARG A 394 -43.59 4.94 -6.70
N ALA A 395 -43.78 4.51 -7.95
CA ALA A 395 -44.26 5.41 -8.99
C ALA A 395 -45.59 5.99 -8.53
N ALA A 396 -46.46 5.12 -8.04
CA ALA A 396 -47.76 5.53 -7.56
C ALA A 396 -47.62 6.56 -6.44
N TRP A 397 -46.69 6.30 -5.54
CA TRP A 397 -46.40 7.15 -4.39
C TRP A 397 -45.81 8.47 -4.82
N GLU A 398 -44.95 8.42 -5.82
CA GLU A 398 -44.31 9.64 -6.27
C GLU A 398 -45.28 10.49 -7.06
N THR A 399 -46.40 9.89 -7.46
CA THR A 399 -47.44 10.60 -8.21
C THR A 399 -48.32 11.37 -7.25
N ALA A 400 -48.61 10.75 -6.11
CA ALA A 400 -49.45 11.33 -5.07
C ALA A 400 -48.74 12.42 -4.27
N ARG A 401 -47.48 12.19 -3.91
CA ARG A 401 -46.73 13.17 -3.14
C ARG A 401 -45.46 13.66 -3.82
N HIS A 402 -45.08 14.89 -3.53
CA HIS A 402 -43.87 15.47 -4.08
C HIS A 402 -42.69 14.96 -3.27
N THR A 403 -41.68 14.44 -3.97
CA THR A 403 -40.50 13.90 -3.31
C THR A 403 -39.25 14.28 -4.10
N PRO A 404 -38.18 14.61 -3.39
CA PRO A 404 -36.87 15.01 -3.94
C PRO A 404 -36.44 14.13 -5.10
N ILE A 405 -36.35 12.83 -4.85
CA ILE A 405 -35.95 11.90 -5.88
C ILE A 405 -37.13 11.27 -6.59
N ASN A 406 -37.00 11.09 -7.90
CA ASN A 406 -38.04 10.50 -8.72
C ASN A 406 -37.60 9.14 -9.20
N SER A 407 -37.88 8.11 -8.41
CA SER A 407 -37.50 6.76 -8.77
C SER A 407 -38.05 6.38 -10.13
N TRP A 408 -39.24 6.88 -10.45
CA TRP A 408 -39.86 6.58 -11.73
C TRP A 408 -39.01 7.07 -12.90
N LEU A 409 -38.54 8.32 -12.84
CA LEU A 409 -37.73 8.85 -13.93
C LEU A 409 -36.44 8.07 -14.06
N GLY A 410 -35.85 7.73 -12.93
CA GLY A 410 -34.63 6.95 -12.96
C GLY A 410 -34.97 5.58 -13.52
N ASN A 411 -36.11 5.02 -13.13
CA ASN A 411 -36.50 3.71 -13.62
C ASN A 411 -36.76 3.71 -15.13
N ILE A 412 -37.37 4.78 -15.63
CA ILE A 412 -37.62 4.85 -17.04
C ILE A 412 -36.28 4.82 -17.74
N ILE A 413 -35.33 5.60 -17.24
CA ILE A 413 -33.99 5.63 -17.82
C ILE A 413 -33.29 4.28 -17.80
N MET A 414 -33.27 3.63 -16.65
CA MET A 414 -32.59 2.34 -16.54
C MET A 414 -33.35 1.20 -17.18
N TYR A 415 -34.68 1.33 -17.27
CA TYR A 415 -35.49 0.25 -17.84
C TYR A 415 -36.28 0.63 -19.10
N ALA A 416 -35.74 1.55 -19.88
CA ALA A 416 -36.36 2.02 -21.11
C ALA A 416 -36.91 0.92 -22.03
N PRO A 417 -36.11 -0.14 -22.27
CA PRO A 417 -36.55 -1.23 -23.15
C PRO A 417 -37.57 -2.24 -22.60
N THR A 418 -37.76 -2.27 -21.29
CA THR A 418 -38.69 -3.24 -20.71
C THR A 418 -40.16 -2.99 -21.03
N LEU A 419 -40.93 -4.07 -21.07
CA LEU A 419 -42.34 -3.98 -21.36
C LEU A 419 -43.01 -2.99 -20.39
N TRP A 420 -43.06 -3.36 -19.12
CA TRP A 420 -43.66 -2.52 -18.09
C TRP A 420 -43.17 -1.07 -18.03
N ALA A 421 -41.92 -0.82 -18.42
CA ALA A 421 -41.43 0.56 -18.36
C ALA A 421 -42.06 1.42 -19.46
N ARG A 422 -42.11 0.87 -20.67
CA ARG A 422 -42.68 1.58 -21.81
C ARG A 422 -44.20 1.65 -21.80
N MET A 423 -44.85 0.57 -21.40
CA MET A 423 -46.31 0.52 -21.36
C MET A 423 -46.98 1.32 -20.25
N ILE A 424 -46.45 1.22 -19.04
CA ILE A 424 -47.02 1.92 -17.90
C ILE A 424 -46.31 3.22 -17.55
N LEU A 425 -45.09 3.12 -17.03
CA LEU A 425 -44.35 4.32 -16.61
C LEU A 425 -44.29 5.45 -17.63
N MET A 426 -43.72 5.18 -18.81
CA MET A 426 -43.61 6.22 -19.82
C MET A 426 -44.97 6.89 -20.05
N THR A 427 -46.01 6.10 -20.25
CA THR A 427 -47.36 6.61 -20.48
C THR A 427 -47.82 7.48 -19.30
N HIS A 428 -48.12 6.85 -18.17
CA HIS A 428 -48.58 7.54 -16.95
C HIS A 428 -47.89 8.88 -16.72
N PHE A 429 -46.57 8.88 -16.63
CA PHE A 429 -45.87 10.11 -16.37
C PHE A 429 -45.85 11.16 -17.49
N PHE A 430 -45.83 10.74 -18.75
CA PHE A 430 -45.84 11.73 -19.82
C PHE A 430 -47.22 12.35 -19.91
N SER A 431 -48.22 11.51 -19.68
CA SER A 431 -49.59 11.95 -19.70
C SER A 431 -49.76 13.07 -18.66
N ILE A 432 -49.27 12.84 -17.44
CA ILE A 432 -49.37 13.83 -16.36
C ILE A 432 -48.59 15.09 -16.64
N LEU A 433 -47.33 14.94 -17.03
CA LEU A 433 -46.51 16.10 -17.31
C LEU A 433 -47.16 16.90 -18.41
N LEU A 434 -47.74 16.19 -19.38
CA LEU A 434 -48.41 16.82 -20.50
C LEU A 434 -49.58 17.64 -20.00
N ALA A 435 -50.35 17.07 -19.08
CA ALA A 435 -51.48 17.78 -18.53
C ALA A 435 -51.02 19.03 -17.77
N GLN A 436 -50.29 18.82 -16.70
CA GLN A 436 -49.80 19.91 -15.88
C GLN A 436 -48.89 20.90 -16.59
N GLU A 437 -48.49 20.60 -17.82
CA GLU A 437 -47.60 21.50 -18.55
C GLU A 437 -46.27 21.57 -17.80
N GLN A 438 -45.57 20.44 -17.70
CA GLN A 438 -44.31 20.38 -16.96
C GLN A 438 -43.14 19.75 -17.71
N LEU A 439 -43.39 19.33 -18.94
CA LEU A 439 -42.36 18.69 -19.76
C LEU A 439 -41.03 19.42 -19.78
N GLU A 440 -41.06 20.71 -19.47
CA GLU A 440 -39.86 21.53 -19.48
C GLU A 440 -39.01 21.36 -18.22
N LYS A 441 -39.68 21.42 -17.06
CA LYS A 441 -38.99 21.31 -15.78
C LYS A 441 -38.11 20.09 -15.67
N ALA A 442 -36.91 20.30 -15.14
CA ALA A 442 -35.96 19.22 -14.95
C ALA A 442 -36.32 18.50 -13.66
N LEU A 443 -35.87 17.27 -13.53
CA LEU A 443 -36.17 16.50 -12.32
C LEU A 443 -34.98 15.69 -11.85
N ASP A 444 -34.66 15.81 -10.56
CA ASP A 444 -33.55 15.08 -9.99
C ASP A 444 -33.92 13.62 -9.84
N CYS A 445 -32.97 12.74 -10.15
CA CYS A 445 -33.17 11.30 -10.01
C CYS A 445 -31.84 10.64 -9.64
N GLN A 446 -31.82 9.32 -9.59
CA GLN A 446 -30.58 8.65 -9.21
C GLN A 446 -30.17 7.46 -10.06
N ILE A 447 -28.86 7.33 -10.24
CA ILE A 447 -28.26 6.23 -11.00
C ILE A 447 -27.06 5.76 -10.21
N TYR A 448 -27.15 4.54 -9.70
CA TYR A 448 -26.10 3.97 -8.89
C TYR A 448 -25.86 4.76 -7.63
N GLY A 449 -26.89 5.46 -7.18
CA GLY A 449 -26.76 6.24 -5.96
C GLY A 449 -26.39 7.70 -6.10
N ALA A 450 -25.91 8.10 -7.28
CA ALA A 450 -25.55 9.50 -7.51
C ALA A 450 -26.76 10.22 -8.06
N CYS A 451 -27.03 11.42 -7.54
CA CYS A 451 -28.18 12.19 -8.04
C CYS A 451 -27.79 12.87 -9.34
N TYR A 452 -28.77 13.07 -10.22
CA TYR A 452 -28.56 13.73 -11.50
C TYR A 452 -29.79 14.60 -11.75
N SER A 453 -29.74 15.41 -12.81
CA SER A 453 -30.89 16.24 -13.12
C SER A 453 -31.17 16.12 -14.61
N ILE A 454 -32.24 15.39 -14.92
CA ILE A 454 -32.62 15.15 -16.30
C ILE A 454 -33.87 15.91 -16.72
N GLU A 455 -33.90 16.32 -17.98
CA GLU A 455 -35.06 17.02 -18.53
C GLU A 455 -35.90 15.95 -19.19
N PRO A 456 -37.19 15.84 -18.82
CA PRO A 456 -38.07 14.84 -19.41
C PRO A 456 -38.02 14.79 -20.94
N LEU A 457 -38.02 15.95 -21.58
CA LEU A 457 -37.98 16.02 -23.03
C LEU A 457 -36.67 15.53 -23.66
N ASP A 458 -35.73 15.07 -22.84
CA ASP A 458 -34.47 14.57 -23.36
C ASP A 458 -34.40 13.04 -23.31
N LEU A 459 -35.44 12.42 -22.75
CA LEU A 459 -35.46 10.98 -22.64
C LEU A 459 -35.15 10.21 -23.93
N PRO A 460 -35.74 10.63 -25.07
CA PRO A 460 -35.45 9.90 -26.31
C PRO A 460 -33.96 9.74 -26.58
N GLN A 461 -33.19 10.83 -26.42
CA GLN A 461 -31.75 10.78 -26.66
C GLN A 461 -31.07 9.86 -25.68
N ILE A 462 -31.37 10.07 -24.41
CA ILE A 462 -30.77 9.25 -23.36
C ILE A 462 -30.97 7.76 -23.66
N ILE A 463 -32.22 7.39 -23.89
CA ILE A 463 -32.57 6.00 -24.19
C ILE A 463 -31.84 5.40 -25.40
N GLU A 464 -31.73 6.15 -26.49
CA GLU A 464 -31.03 5.63 -27.65
C GLU A 464 -29.54 5.41 -27.37
N ARG A 465 -28.89 6.36 -26.69
CA ARG A 465 -27.48 6.21 -26.42
C ARG A 465 -27.15 5.14 -25.39
N LEU A 466 -28.04 4.93 -24.42
CA LEU A 466 -27.78 3.93 -23.40
C LEU A 466 -28.30 2.55 -23.75
N HIS A 467 -29.27 2.47 -24.65
CA HIS A 467 -29.85 1.18 -25.01
C HIS A 467 -29.85 0.90 -26.51
N GLY A 468 -30.05 1.94 -27.31
CA GLY A 468 -30.08 1.76 -28.74
C GLY A 468 -31.47 2.00 -29.27
N LEU A 469 -31.63 2.03 -30.58
CA LEU A 469 -32.94 2.26 -31.15
C LEU A 469 -33.87 1.07 -30.89
N SER A 470 -33.30 -0.12 -30.71
CA SER A 470 -34.14 -1.29 -30.48
C SER A 470 -35.05 -1.10 -29.26
N ALA A 471 -34.61 -0.29 -28.31
CA ALA A 471 -35.41 -0.08 -27.11
C ALA A 471 -36.74 0.59 -27.43
N PHE A 472 -36.84 1.17 -28.62
CA PHE A 472 -38.09 1.83 -29.02
C PHE A 472 -38.97 0.90 -29.85
N THR A 473 -38.42 -0.24 -30.25
CA THR A 473 -39.17 -1.17 -31.09
C THR A 473 -39.23 -2.63 -30.62
N LEU A 474 -38.67 -2.94 -29.45
CA LEU A 474 -38.71 -4.33 -29.00
C LEU A 474 -40.16 -4.87 -28.90
N HIS A 475 -40.28 -6.19 -29.01
CA HIS A 475 -41.58 -6.86 -28.95
C HIS A 475 -41.37 -8.38 -28.86
N SER A 476 -42.46 -9.09 -28.60
CA SER A 476 -42.43 -10.55 -28.48
C SER A 476 -41.58 -10.96 -27.30
N TYR A 477 -41.83 -10.30 -26.17
CA TYR A 477 -41.13 -10.57 -24.93
C TYR A 477 -41.30 -12.02 -24.54
N SER A 478 -40.40 -12.53 -23.71
CA SER A 478 -40.47 -13.91 -23.27
C SER A 478 -41.78 -14.21 -22.57
N PRO A 479 -42.23 -15.46 -22.63
CA PRO A 479 -43.48 -15.75 -21.95
C PRO A 479 -43.24 -15.57 -20.45
N GLY A 480 -41.99 -15.77 -20.03
CA GLY A 480 -41.65 -15.61 -18.63
C GLY A 480 -41.86 -14.17 -18.19
N GLU A 481 -41.27 -13.24 -18.92
CA GLU A 481 -41.42 -11.84 -18.58
C GLU A 481 -42.87 -11.40 -18.67
N ILE A 482 -43.56 -11.74 -19.76
CA ILE A 482 -44.96 -11.36 -19.92
C ILE A 482 -45.79 -11.78 -18.72
N ASN A 483 -45.77 -13.08 -18.41
CA ASN A 483 -46.52 -13.56 -17.28
C ASN A 483 -46.28 -12.66 -16.07
N ARG A 484 -45.02 -12.44 -15.71
CA ARG A 484 -44.70 -11.60 -14.55
C ARG A 484 -45.39 -10.24 -14.57
N VAL A 485 -45.18 -9.45 -15.62
CA VAL A 485 -45.83 -8.14 -15.67
C VAL A 485 -47.33 -8.21 -15.41
N ALA A 486 -48.00 -9.11 -16.15
CA ALA A 486 -49.44 -9.28 -16.01
C ALA A 486 -49.82 -9.67 -14.59
N SER A 487 -49.09 -10.62 -14.02
CA SER A 487 -49.34 -11.08 -12.66
C SER A 487 -49.29 -9.89 -11.72
N CYS A 488 -48.26 -9.06 -11.90
CA CYS A 488 -48.07 -7.88 -11.08
C CYS A 488 -49.20 -6.87 -11.18
N LEU A 489 -49.55 -6.46 -12.40
CA LEU A 489 -50.63 -5.49 -12.59
C LEU A 489 -51.92 -5.98 -11.96
N ARG A 490 -52.14 -7.28 -12.08
CA ARG A 490 -53.33 -7.92 -11.53
C ARG A 490 -53.33 -7.71 -10.02
N LYS A 491 -52.16 -7.95 -9.42
CA LYS A 491 -51.95 -7.82 -7.99
C LYS A 491 -52.11 -6.38 -7.43
N LEU A 492 -51.35 -5.44 -7.99
CA LEU A 492 -51.41 -4.05 -7.53
C LEU A 492 -52.63 -3.28 -8.03
N GLY A 493 -53.54 -3.96 -8.72
CA GLY A 493 -54.73 -3.28 -9.23
C GLY A 493 -54.42 -2.23 -10.29
N VAL A 494 -53.51 -2.56 -11.20
CA VAL A 494 -53.12 -1.65 -12.28
C VAL A 494 -53.91 -1.99 -13.54
N PRO A 495 -54.40 -0.95 -14.25
CA PRO A 495 -55.17 -1.12 -15.48
C PRO A 495 -54.47 -2.05 -16.45
N PRO A 496 -55.25 -2.85 -17.20
CA PRO A 496 -54.76 -3.83 -18.17
C PRO A 496 -54.15 -3.24 -19.45
N LEU A 497 -53.44 -4.10 -20.18
CA LEU A 497 -52.77 -3.76 -21.43
C LEU A 497 -53.53 -2.78 -22.33
N ARG A 498 -54.78 -3.12 -22.64
CA ARG A 498 -55.58 -2.27 -23.50
C ARG A 498 -55.75 -0.86 -22.96
N THR A 499 -56.03 -0.74 -21.67
CA THR A 499 -56.21 0.59 -21.09
C THR A 499 -55.01 1.49 -21.31
N TRP A 500 -53.81 0.93 -21.18
CA TRP A 500 -52.60 1.72 -21.37
C TRP A 500 -52.40 2.12 -22.83
N ARG A 501 -52.64 1.18 -23.75
CA ARG A 501 -52.48 1.45 -25.17
C ARG A 501 -53.36 2.64 -25.55
N HIS A 502 -54.62 2.59 -25.12
CA HIS A 502 -55.54 3.69 -25.41
C HIS A 502 -54.98 5.00 -24.85
N ARG A 503 -54.52 4.96 -23.59
CA ARG A 503 -53.97 6.15 -22.95
C ARG A 503 -52.72 6.62 -23.66
N ALA A 504 -51.88 5.68 -24.06
CA ALA A 504 -50.64 6.02 -24.76
C ALA A 504 -50.99 6.58 -26.13
N ARG A 505 -51.94 5.94 -26.80
CA ARG A 505 -52.35 6.38 -28.12
C ARG A 505 -52.75 7.84 -28.09
N SER A 506 -53.39 8.24 -26.98
CA SER A 506 -53.83 9.62 -26.81
C SER A 506 -52.67 10.55 -26.47
N VAL A 507 -51.82 10.15 -25.54
CA VAL A 507 -50.69 10.97 -25.15
C VAL A 507 -49.84 11.22 -26.39
N ARG A 508 -49.58 10.16 -27.14
CA ARG A 508 -48.77 10.25 -28.35
C ARG A 508 -49.28 11.35 -29.26
N ALA A 509 -50.58 11.33 -29.54
CA ALA A 509 -51.19 12.34 -30.38
C ALA A 509 -50.88 13.72 -29.79
N LYS A 510 -51.34 13.97 -28.57
CA LYS A 510 -51.13 15.25 -27.89
C LYS A 510 -49.67 15.68 -27.95
N LEU A 511 -48.76 14.73 -27.98
CA LEU A 511 -47.34 15.04 -28.03
C LEU A 511 -46.89 15.47 -29.41
N LEU A 512 -47.33 14.74 -30.43
CA LEU A 512 -46.97 15.05 -31.81
C LEU A 512 -47.43 16.43 -32.24
N SER A 513 -48.52 16.91 -31.64
CA SER A 513 -49.06 18.23 -31.99
C SER A 513 -48.18 19.36 -31.48
N GLN A 514 -47.55 19.14 -30.33
CA GLN A 514 -46.69 20.17 -29.76
C GLN A 514 -45.38 20.29 -30.53
N GLY A 515 -45.12 19.29 -31.37
CA GLY A 515 -43.91 19.29 -32.18
C GLY A 515 -42.64 19.45 -31.35
N GLY A 516 -41.57 19.90 -32.00
CA GLY A 516 -40.31 20.11 -31.29
C GLY A 516 -39.82 18.85 -30.60
N ARG A 517 -39.18 19.01 -29.45
CA ARG A 517 -38.68 17.85 -28.72
C ARG A 517 -39.83 16.93 -28.31
N ALA A 518 -41.01 17.50 -28.12
CA ALA A 518 -42.17 16.73 -27.73
C ALA A 518 -42.55 15.68 -28.77
N ALA A 519 -42.64 16.10 -30.03
CA ALA A 519 -42.99 15.16 -31.10
C ALA A 519 -41.99 14.02 -31.08
N THR A 520 -40.74 14.37 -30.84
CA THR A 520 -39.70 13.37 -30.77
C THR A 520 -40.12 12.31 -29.74
N CYS A 521 -40.45 12.75 -28.52
CA CYS A 521 -40.86 11.84 -27.47
C CYS A 521 -42.03 11.00 -27.96
N GLY A 522 -43.05 11.68 -28.46
CA GLY A 522 -44.22 10.98 -28.94
C GLY A 522 -43.93 10.02 -30.06
N ARG A 523 -42.96 10.35 -30.90
CA ARG A 523 -42.63 9.51 -32.04
C ARG A 523 -41.89 8.22 -31.74
N TYR A 524 -40.86 8.29 -30.89
CA TYR A 524 -40.06 7.11 -30.51
C TYR A 524 -40.57 6.37 -29.27
N LEU A 525 -40.85 7.13 -28.21
CA LEU A 525 -41.30 6.54 -26.95
C LEU A 525 -42.62 5.78 -27.04
N PHE A 526 -43.56 6.29 -27.84
CA PHE A 526 -44.87 5.68 -27.96
C PHE A 526 -45.16 5.03 -29.31
N ASN A 527 -44.11 4.71 -30.04
CA ASN A 527 -44.30 4.08 -31.33
C ASN A 527 -44.94 2.71 -31.12
N TRP A 528 -44.78 2.13 -29.93
CA TRP A 528 -45.36 0.83 -29.66
C TRP A 528 -46.89 0.84 -29.73
N ALA A 529 -47.49 1.99 -29.43
CA ALA A 529 -48.94 2.14 -29.42
C ALA A 529 -49.67 2.17 -30.77
N VAL A 530 -49.12 2.91 -31.73
CA VAL A 530 -49.74 3.01 -33.05
C VAL A 530 -49.45 1.80 -33.93
N ARG A 531 -50.44 1.43 -34.76
CA ARG A 531 -50.30 0.29 -35.66
C ARG A 531 -49.53 0.69 -36.91
N THR A 532 -49.89 1.82 -37.50
CA THR A 532 -49.20 2.33 -38.66
C THR A 532 -47.95 2.99 -38.09
N LYS A 533 -46.97 2.14 -37.78
CA LYS A 533 -45.69 2.56 -37.18
C LYS A 533 -44.99 3.68 -37.94
N LEU A 534 -43.89 4.16 -37.38
CA LEU A 534 -43.09 5.22 -37.99
C LEU A 534 -41.66 4.69 -38.06
N LYS A 535 -40.87 5.17 -39.02
CA LYS A 535 -39.49 4.71 -39.12
C LYS A 535 -38.68 5.53 -38.13
N LEU A 536 -38.19 4.88 -37.10
CA LEU A 536 -37.41 5.59 -36.10
C LEU A 536 -35.95 5.56 -36.52
N THR A 537 -35.40 6.74 -36.80
CA THR A 537 -34.01 6.87 -37.23
C THR A 537 -33.12 7.49 -36.18
N PRO A 538 -31.80 7.33 -36.32
CA PRO A 538 -30.83 7.88 -35.37
C PRO A 538 -31.11 9.33 -35.01
N ILE A 539 -31.32 9.58 -33.71
CA ILE A 539 -31.62 10.91 -33.20
C ILE A 539 -30.37 11.76 -33.04
N PRO A 540 -30.33 12.91 -33.72
CA PRO A 540 -29.25 13.90 -33.75
C PRO A 540 -28.54 14.13 -32.41
N ALA A 541 -29.29 14.58 -31.41
CA ALA A 541 -28.71 14.86 -30.09
C ALA A 541 -28.16 13.65 -29.37
N ALA A 542 -28.55 12.46 -29.84
CA ALA A 542 -28.09 11.22 -29.22
C ALA A 542 -26.57 11.06 -29.29
N SER A 543 -26.03 11.14 -30.50
CA SER A 543 -24.60 10.99 -30.72
C SER A 543 -23.84 12.24 -30.31
N GLN A 544 -24.17 12.81 -29.17
CA GLN A 544 -23.52 14.02 -28.69
C GLN A 544 -23.53 14.11 -27.15
N LEU A 545 -24.26 13.19 -26.52
CA LEU A 545 -24.37 13.17 -25.07
C LEU A 545 -23.15 12.58 -24.34
N ASP A 546 -22.70 13.29 -23.32
CA ASP A 546 -21.55 12.85 -22.53
C ASP A 546 -22.07 12.00 -21.35
N LEU A 547 -22.67 10.88 -21.66
CA LEU A 547 -23.21 10.00 -20.62
C LEU A 547 -22.12 9.19 -19.93
N SER A 548 -20.88 9.38 -20.39
CA SER A 548 -19.71 8.69 -19.86
C SER A 548 -19.73 8.54 -18.32
N GLY A 549 -19.83 9.67 -17.63
CA GLY A 549 -19.81 9.67 -16.17
C GLY A 549 -20.94 8.96 -15.46
N TRP A 550 -22.04 8.72 -16.16
CA TRP A 550 -23.21 8.05 -15.58
C TRP A 550 -22.92 6.67 -15.05
N PHE A 551 -21.94 5.99 -15.62
CA PHE A 551 -21.63 4.64 -15.20
C PHE A 551 -20.15 4.37 -14.93
N VAL A 552 -19.64 4.91 -13.83
CA VAL A 552 -18.24 4.73 -13.46
C VAL A 552 -18.11 3.96 -12.17
N ALA A 553 -18.70 4.48 -11.10
CA ALA A 553 -18.64 3.85 -9.78
C ALA A 553 -19.95 3.98 -9.00
N GLY A 554 -20.00 3.38 -7.83
CA GLY A 554 -21.19 3.45 -6.99
C GLY A 554 -21.03 4.52 -5.91
N TYR A 555 -22.15 5.12 -5.50
CA TYR A 555 -22.10 6.17 -4.49
C TYR A 555 -23.31 6.12 -3.54
N SER A 556 -24.06 5.03 -3.55
CA SER A 556 -25.23 4.94 -2.69
C SER A 556 -24.85 5.23 -1.25
N GLY A 557 -25.53 6.20 -0.65
CA GLY A 557 -25.24 6.57 0.73
C GLY A 557 -24.04 7.51 0.82
N GLY A 558 -23.34 7.69 -0.30
CA GLY A 558 -22.17 8.55 -0.34
C GLY A 558 -22.40 10.05 -0.46
N ASP A 559 -23.67 10.49 -0.43
CA ASP A 559 -23.97 11.91 -0.50
C ASP A 559 -23.27 12.57 -1.70
N ILE A 560 -23.61 12.13 -2.92
CA ILE A 560 -23.01 12.64 -4.15
C ILE A 560 -24.02 13.19 -5.16
N TYR A 561 -23.63 14.27 -5.84
CA TYR A 561 -24.51 14.92 -6.83
C TYR A 561 -23.71 15.37 -8.04
N HIS A 562 -23.82 14.64 -9.15
CA HIS A 562 -23.09 15.02 -10.35
C HIS A 562 -23.85 16.09 -11.13
N SER A 563 -23.35 17.33 -11.04
CA SER A 563 -23.96 18.48 -11.71
C SER A 563 -23.50 18.56 -13.17
N SER B 1 14.95 22.30 -2.82
CA SER B 1 15.19 22.80 -1.44
C SER B 1 16.64 22.57 -0.98
N MET B 2 17.07 23.34 0.02
CA MET B 2 18.43 23.20 0.55
C MET B 2 18.49 21.96 1.42
N SER B 3 19.43 21.09 1.11
CA SER B 3 19.61 19.87 1.87
C SER B 3 19.79 20.24 3.35
N TYR B 4 20.51 21.33 3.59
CA TYR B 4 20.78 21.82 4.95
C TYR B 4 20.68 23.33 5.08
N THR B 5 20.48 23.79 6.30
CA THR B 5 20.43 25.21 6.61
C THR B 5 21.15 25.34 7.94
N TRP B 6 22.21 26.16 7.99
CA TRP B 6 22.97 26.29 9.23
C TRP B 6 22.78 27.61 9.97
N THR B 7 23.04 27.62 11.27
CA THR B 7 22.86 28.84 12.06
C THR B 7 24.11 29.34 12.76
N GLY B 8 25.27 28.79 12.42
CA GLY B 8 26.49 29.24 13.06
C GLY B 8 26.93 28.30 14.15
N ALA B 9 25.97 27.73 14.87
CA ALA B 9 26.29 26.79 15.95
C ALA B 9 27.22 25.73 15.40
N LEU B 10 28.30 25.44 16.14
CA LEU B 10 29.27 24.45 15.71
C LEU B 10 28.89 23.00 16.03
N ILE B 11 29.33 22.08 15.18
CA ILE B 11 29.05 20.69 15.46
C ILE B 11 30.07 20.33 16.53
N THR B 12 29.71 20.58 17.78
CA THR B 12 30.59 20.31 18.91
C THR B 12 30.75 18.84 19.28
N PRO B 13 31.88 18.48 19.91
CA PRO B 13 32.14 17.10 20.33
C PRO B 13 31.68 16.98 21.79
N CYS B 14 31.14 15.83 22.19
CA CYS B 14 30.68 15.68 23.58
C CYS B 14 31.72 15.04 24.51
N ALA B 15 32.98 15.20 24.16
CA ALA B 15 34.08 14.64 24.94
C ALA B 15 35.40 15.12 24.36
N ALA B 16 36.46 14.36 24.59
CA ALA B 16 37.78 14.71 24.07
C ALA B 16 38.04 13.82 22.86
N GLU B 17 38.47 14.46 21.77
CA GLU B 17 38.74 13.75 20.53
C GLU B 17 40.24 13.60 20.26
N GLU B 18 40.62 12.42 19.77
CA GLU B 18 42.01 12.15 19.43
C GLU B 18 42.09 11.98 17.92
N SER B 19 43.21 12.41 17.32
CA SER B 19 43.35 12.32 15.87
C SER B 19 44.57 11.59 15.33
N LYS B 20 45.42 11.06 16.21
CA LYS B 20 46.63 10.35 15.78
C LYS B 20 46.89 9.08 16.60
N LEU B 21 47.81 8.25 16.12
CA LEU B 21 48.16 7.04 16.86
C LEU B 21 49.00 7.52 18.04
N PRO B 22 48.68 7.04 19.26
CA PRO B 22 49.36 7.38 20.52
C PRO B 22 50.86 7.62 20.45
N ILE B 23 51.37 8.49 21.33
CA ILE B 23 52.80 8.77 21.39
C ILE B 23 53.44 7.46 21.82
N ASN B 24 54.28 6.89 20.96
CA ASN B 24 54.92 5.60 21.24
C ASN B 24 53.82 4.53 21.25
N PRO B 25 53.06 4.43 20.15
CA PRO B 25 51.98 3.45 20.04
C PRO B 25 52.46 2.01 20.06
N LEU B 26 51.72 1.15 20.71
CA LEU B 26 52.09 -0.26 20.78
C LEU B 26 51.84 -0.86 19.40
N SER B 27 51.31 -0.04 18.50
CA SER B 27 51.00 -0.46 17.14
C SER B 27 52.19 -0.43 16.19
N ASN B 28 53.34 0.01 16.68
CA ASN B 28 54.54 0.07 15.85
C ASN B 28 55.01 -1.33 15.46
N SER B 29 54.38 -2.33 16.09
CA SER B 29 54.68 -3.72 15.83
C SER B 29 53.90 -4.16 14.59
N LEU B 30 52.84 -3.41 14.29
CA LEU B 30 51.99 -3.66 13.14
C LEU B 30 52.43 -2.77 11.97
N LEU B 31 52.74 -1.50 12.28
CA LEU B 31 53.20 -0.56 11.27
C LEU B 31 53.97 0.63 11.86
N ARG B 32 55.04 1.01 11.18
CA ARG B 32 55.90 2.11 11.61
C ARG B 32 55.30 3.48 11.33
N HIS B 33 54.98 3.70 10.06
CA HIS B 33 54.44 4.97 9.60
C HIS B 33 53.12 5.38 10.23
N HIS B 34 53.15 5.56 11.55
CA HIS B 34 51.98 5.96 12.31
C HIS B 34 51.39 7.28 11.84
N ASN B 35 52.23 8.08 11.16
CA ASN B 35 51.79 9.37 10.64
C ASN B 35 50.70 9.18 9.59
N MET B 36 50.77 8.07 8.87
CA MET B 36 49.79 7.76 7.84
C MET B 36 48.38 7.46 8.38
N VAL B 37 48.24 7.37 9.70
CA VAL B 37 46.94 7.07 10.30
C VAL B 37 46.35 8.26 11.04
N TYR B 38 45.09 8.57 10.76
CA TYR B 38 44.39 9.66 11.41
C TYR B 38 42.95 9.32 11.74
N ALA B 39 42.37 10.09 12.65
CA ALA B 39 41.00 9.90 13.08
C ALA B 39 40.21 11.18 12.82
N THR B 40 39.18 11.09 11.97
CA THR B 40 38.36 12.24 11.65
C THR B 40 37.79 12.86 12.94
N THR B 41 37.82 14.18 13.06
CA THR B 41 37.27 14.82 14.26
C THR B 41 36.41 16.06 13.98
N SER B 42 35.75 16.55 15.02
CA SER B 42 34.87 17.71 14.91
C SER B 42 35.55 18.92 14.30
N ARG B 43 36.88 18.97 14.38
CA ARG B 43 37.63 20.09 13.82
C ARG B 43 37.37 20.21 12.32
N SER B 44 37.06 19.09 11.67
CA SER B 44 36.81 19.07 10.23
C SER B 44 35.32 18.94 9.88
N ALA B 45 34.46 19.26 10.84
CA ALA B 45 33.02 19.19 10.60
C ALA B 45 32.62 20.29 9.62
N SER B 46 33.36 21.39 9.65
CA SER B 46 33.07 22.52 8.77
C SER B 46 33.20 22.10 7.30
N LEU B 47 34.30 21.44 6.97
CA LEU B 47 34.55 20.98 5.61
C LEU B 47 33.48 20.05 5.08
N ARG B 48 32.97 19.19 5.95
CA ARG B 48 31.93 18.24 5.54
C ARG B 48 30.69 19.01 5.12
N GLN B 49 30.24 19.89 6.00
CA GLN B 49 29.06 20.70 5.75
C GLN B 49 29.01 21.27 4.34
N LYS B 50 30.08 21.96 3.94
CA LYS B 50 30.18 22.58 2.62
C LYS B 50 29.93 21.59 1.48
N LYS B 51 30.37 20.35 1.66
CA LYS B 51 30.24 19.29 0.67
C LYS B 51 28.83 18.70 0.53
N VAL B 52 28.01 18.83 1.57
CA VAL B 52 26.67 18.25 1.57
C VAL B 52 25.55 19.27 1.60
N THR B 53 25.90 20.55 1.57
CA THR B 53 24.92 21.63 1.61
C THR B 53 24.69 22.24 0.24
N PHE B 54 23.53 21.96 -0.34
CA PHE B 54 23.17 22.49 -1.66
C PHE B 54 21.69 22.32 -1.94
N ASP B 55 21.21 22.91 -3.03
CA ASP B 55 19.81 22.84 -3.41
C ASP B 55 19.61 21.63 -4.32
N ARG B 56 18.58 20.83 -4.08
CA ARG B 56 18.31 19.65 -4.90
C ARG B 56 17.28 19.89 -5.98
N LEU B 57 17.64 19.67 -7.24
CA LEU B 57 16.65 19.82 -8.30
C LEU B 57 16.32 18.43 -8.78
N GLN B 58 15.03 18.10 -8.75
CA GLN B 58 14.58 16.77 -9.14
C GLN B 58 13.43 16.78 -10.16
N VAL B 59 13.59 15.98 -11.20
CA VAL B 59 12.57 15.86 -12.24
C VAL B 59 12.30 14.39 -12.55
N LEU B 60 11.09 13.96 -12.24
CA LEU B 60 10.68 12.58 -12.42
C LEU B 60 9.95 12.32 -13.72
N ASP B 61 10.44 11.38 -14.51
CA ASP B 61 9.82 11.02 -15.78
C ASP B 61 8.86 9.83 -15.60
N ASP B 62 8.39 9.28 -16.72
CA ASP B 62 7.46 8.14 -16.67
C ASP B 62 8.14 6.84 -16.26
N HIS B 63 9.46 6.78 -16.31
CA HIS B 63 10.17 5.57 -15.91
C HIS B 63 10.23 5.45 -14.40
N TYR B 64 10.49 6.59 -13.75
CA TYR B 64 10.55 6.64 -12.29
C TYR B 64 9.22 6.09 -11.79
N ARG B 65 8.13 6.67 -12.28
CA ARG B 65 6.79 6.26 -11.91
C ARG B 65 6.54 4.79 -12.19
N ASP B 66 6.93 4.35 -13.38
CA ASP B 66 6.76 2.95 -13.76
C ASP B 66 7.40 2.06 -12.70
N VAL B 67 8.70 2.18 -12.55
CA VAL B 67 9.42 1.37 -11.58
C VAL B 67 8.83 1.46 -10.18
N LEU B 68 8.31 2.64 -9.83
CA LEU B 68 7.72 2.82 -8.51
C LEU B 68 6.55 1.87 -8.38
N LYS B 69 5.60 1.99 -9.31
CA LYS B 69 4.43 1.11 -9.30
C LYS B 69 4.86 -0.34 -9.26
N GLU B 70 5.94 -0.66 -9.96
CA GLU B 70 6.44 -2.02 -10.00
C GLU B 70 6.87 -2.52 -8.63
N MET B 71 7.59 -1.66 -7.91
CA MET B 71 8.09 -2.01 -6.59
C MET B 71 6.97 -2.11 -5.56
N LYS B 72 5.98 -1.24 -5.69
CA LYS B 72 4.86 -1.22 -4.76
C LYS B 72 4.02 -2.48 -4.91
N ALA B 73 4.01 -3.05 -6.10
CA ALA B 73 3.24 -4.26 -6.35
C ALA B 73 3.82 -5.42 -5.57
N LYS B 74 5.13 -5.43 -5.40
CA LYS B 74 5.76 -6.53 -4.68
C LYS B 74 5.70 -6.23 -3.19
N ALA B 75 5.83 -4.96 -2.84
CA ALA B 75 5.80 -4.56 -1.45
C ALA B 75 4.51 -4.95 -0.78
N SER B 76 3.42 -4.94 -1.53
CA SER B 76 2.12 -5.27 -0.96
C SER B 76 1.93 -6.74 -0.60
N THR B 77 2.90 -7.58 -0.92
CA THR B 77 2.80 -8.99 -0.58
C THR B 77 3.32 -9.20 0.83
N VAL B 78 3.92 -8.16 1.38
CA VAL B 78 4.48 -8.22 2.73
C VAL B 78 3.46 -7.98 3.85
N LYS B 79 3.64 -8.71 4.94
CA LYS B 79 2.80 -8.58 6.12
C LYS B 79 3.81 -8.32 7.23
N ALA B 80 3.84 -7.10 7.77
CA ALA B 80 4.82 -6.80 8.81
C ALA B 80 4.21 -6.68 10.17
N LYS B 81 4.91 -7.25 11.16
CA LYS B 81 4.43 -7.25 12.53
C LYS B 81 4.95 -6.11 13.39
N LEU B 82 4.15 -5.77 14.39
CA LEU B 82 4.43 -4.68 15.32
C LEU B 82 5.15 -5.13 16.59
N LEU B 83 6.47 -5.12 16.59
CA LEU B 83 7.26 -5.51 17.76
C LEU B 83 6.73 -4.92 19.07
N SER B 84 6.85 -5.71 20.14
CA SER B 84 6.42 -5.27 21.47
C SER B 84 7.55 -4.42 22.07
N ILE B 85 7.23 -3.62 23.09
CA ILE B 85 8.28 -2.80 23.71
C ILE B 85 9.43 -3.67 24.22
N GLU B 86 9.11 -4.86 24.73
CA GLU B 86 10.15 -5.76 25.18
C GLU B 86 11.05 -6.05 23.99
N GLU B 87 10.46 -6.59 22.94
CA GLU B 87 11.16 -6.95 21.72
C GLU B 87 12.11 -5.90 21.19
N ALA B 88 11.66 -4.65 21.16
CA ALA B 88 12.48 -3.56 20.68
C ALA B 88 13.61 -3.22 21.63
N CYS B 89 13.37 -3.38 22.92
CA CYS B 89 14.39 -3.08 23.91
C CYS B 89 15.57 -4.04 23.78
N LYS B 90 15.27 -5.33 23.69
CA LYS B 90 16.31 -6.34 23.58
C LYS B 90 17.10 -6.19 22.27
N LEU B 91 16.66 -5.30 21.40
CA LEU B 91 17.33 -5.06 20.12
C LEU B 91 18.24 -3.83 20.20
N THR B 92 18.13 -3.09 21.30
CA THR B 92 18.92 -1.88 21.51
C THR B 92 20.33 -2.13 22.05
N PRO B 93 21.36 -1.82 21.25
CA PRO B 93 22.79 -1.98 21.58
C PRO B 93 23.09 -1.45 22.97
N PRO B 94 23.86 -2.21 23.77
CA PRO B 94 24.25 -1.86 25.15
C PRO B 94 25.08 -0.59 25.22
N HIS B 95 25.56 -0.15 24.06
CA HIS B 95 26.39 1.04 23.97
C HIS B 95 25.71 2.20 23.24
N SER B 96 24.38 2.14 23.12
CA SER B 96 23.62 3.18 22.43
C SER B 96 23.65 4.51 23.22
N ALA B 97 23.41 5.62 22.54
CA ALA B 97 23.42 6.95 23.17
C ALA B 97 22.34 7.11 24.22
N LYS B 98 22.74 7.41 25.45
CA LYS B 98 21.74 7.55 26.50
C LYS B 98 20.73 8.62 26.15
N SER B 99 19.50 8.40 26.64
CA SER B 99 18.41 9.32 26.40
C SER B 99 18.61 10.58 27.22
N LYS B 100 18.21 11.72 26.68
CA LYS B 100 18.37 12.98 27.41
C LYS B 100 17.34 13.05 28.50
N PHE B 101 16.52 12.02 28.61
CA PHE B 101 15.46 12.01 29.62
C PHE B 101 15.81 11.32 30.92
N GLY B 102 17.05 10.90 31.07
CA GLY B 102 17.44 10.29 32.33
C GLY B 102 17.62 8.79 32.40
N TYR B 103 17.62 8.12 31.25
CA TYR B 103 17.83 6.68 31.28
C TYR B 103 18.79 6.29 30.17
N GLY B 104 19.50 5.19 30.37
CA GLY B 104 20.47 4.76 29.37
C GLY B 104 20.09 3.50 28.63
N ALA B 105 20.98 3.07 27.75
CA ALA B 105 20.75 1.89 26.95
C ALA B 105 20.56 0.66 27.82
N LYS B 106 21.37 0.52 28.87
CA LYS B 106 21.26 -0.62 29.75
C LYS B 106 19.91 -0.63 30.43
N ASP B 107 19.43 0.54 30.83
CA ASP B 107 18.13 0.63 31.47
C ASP B 107 17.05 0.09 30.52
N VAL B 108 17.20 0.42 29.24
CA VAL B 108 16.26 -0.02 28.22
C VAL B 108 16.25 -1.54 28.12
N ARG B 109 17.43 -2.13 27.94
CA ARG B 109 17.54 -3.58 27.84
C ARG B 109 17.06 -4.29 29.09
N ASN B 110 17.05 -3.58 30.22
CA ASN B 110 16.58 -4.16 31.48
C ASN B 110 15.09 -3.93 31.60
N LEU B 111 14.60 -3.01 30.77
CA LEU B 111 13.19 -2.64 30.77
C LEU B 111 12.84 -1.93 32.08
N SER B 112 13.76 -1.11 32.58
CA SER B 112 13.46 -0.39 33.82
C SER B 112 12.24 0.50 33.54
N SER B 113 11.35 0.59 34.51
CA SER B 113 10.13 1.37 34.37
C SER B 113 10.35 2.77 33.82
N ARG B 114 11.35 3.50 34.33
CA ARG B 114 11.61 4.85 33.84
C ARG B 114 11.72 4.84 32.32
N ALA B 115 12.61 3.99 31.82
CA ALA B 115 12.81 3.83 30.39
C ALA B 115 11.49 3.46 29.69
N VAL B 116 10.93 2.31 30.04
CA VAL B 116 9.67 1.87 29.44
C VAL B 116 8.61 2.97 29.43
N ASN B 117 8.50 3.67 30.55
CA ASN B 117 7.54 4.76 30.68
C ASN B 117 7.77 5.82 29.60
N HIS B 118 9.02 6.21 29.40
CA HIS B 118 9.31 7.22 28.38
C HIS B 118 9.11 6.64 26.99
N ILE B 119 9.42 5.37 26.83
CA ILE B 119 9.24 4.75 25.53
C ILE B 119 7.76 4.79 25.17
N ARG B 120 6.89 4.41 26.11
CA ARG B 120 5.46 4.46 25.86
C ARG B 120 5.00 5.87 25.55
N SER B 121 5.42 6.84 26.36
CA SER B 121 5.00 8.21 26.11
C SER B 121 5.41 8.66 24.71
N VAL B 122 6.59 8.23 24.25
CA VAL B 122 7.06 8.60 22.92
C VAL B 122 6.11 8.05 21.87
N TRP B 123 5.72 6.78 22.05
CA TRP B 123 4.80 6.14 21.12
C TRP B 123 3.43 6.82 21.15
N GLU B 124 2.86 6.98 22.35
CA GLU B 124 1.58 7.63 22.52
C GLU B 124 1.59 8.96 21.80
N ASP B 125 2.76 9.58 21.76
CA ASP B 125 2.94 10.86 21.11
C ASP B 125 2.86 10.77 19.61
N LEU B 126 3.53 9.78 19.04
CA LEU B 126 3.52 9.60 17.60
C LEU B 126 2.10 9.37 17.11
N LEU B 127 1.17 9.14 18.03
CA LEU B 127 -0.21 8.91 17.63
C LEU B 127 -1.02 10.19 17.82
N GLU B 128 -0.59 11.02 18.77
CA GLU B 128 -1.27 12.27 19.10
C GLU B 128 -0.75 13.47 18.31
N ASP B 129 0.54 13.46 17.99
CA ASP B 129 1.15 14.56 17.25
C ASP B 129 1.63 14.04 15.91
N THR B 130 0.92 14.36 14.84
CA THR B 130 1.32 13.89 13.52
C THR B 130 2.05 14.93 12.72
N GLU B 131 2.48 16.02 13.37
CA GLU B 131 3.12 17.09 12.62
C GLU B 131 4.42 17.69 13.11
N THR B 132 4.54 17.90 14.41
CA THR B 132 5.74 18.52 14.96
C THR B 132 7.04 17.85 14.54
N PRO B 133 8.04 18.64 14.15
CA PRO B 133 9.31 18.05 13.73
C PRO B 133 9.97 17.46 14.97
N ILE B 134 10.46 16.22 14.86
CA ILE B 134 11.13 15.59 15.97
C ILE B 134 12.61 15.96 15.98
N ASP B 135 13.10 16.39 17.13
CA ASP B 135 14.50 16.79 17.27
C ASP B 135 15.50 15.68 17.03
N THR B 136 16.70 16.07 16.58
CA THR B 136 17.79 15.13 16.35
C THR B 136 19.08 15.77 16.81
N THR B 137 20.09 14.95 17.05
CA THR B 137 21.40 15.44 17.46
C THR B 137 22.33 15.25 16.29
N ILE B 138 23.21 16.22 16.06
CA ILE B 138 24.15 16.11 14.97
C ILE B 138 25.56 16.06 15.56
N MET B 139 26.37 15.16 15.04
CA MET B 139 27.73 14.99 15.53
C MET B 139 28.69 14.57 14.44
N ALA B 140 29.98 14.82 14.67
CA ALA B 140 30.99 14.41 13.71
C ALA B 140 31.41 13.05 14.21
N LYS B 141 31.26 12.03 13.36
CA LYS B 141 31.63 10.69 13.79
C LYS B 141 33.13 10.49 13.64
N SER B 142 33.68 9.61 14.47
CA SER B 142 35.12 9.34 14.45
C SER B 142 35.46 8.10 13.60
N GLU B 143 36.34 8.30 12.63
CA GLU B 143 36.75 7.19 11.78
C GLU B 143 38.23 7.27 11.44
N VAL B 144 38.86 6.11 11.33
CA VAL B 144 40.28 6.03 11.03
C VAL B 144 40.59 5.69 9.59
N PHE B 145 41.37 6.53 8.93
CA PHE B 145 41.75 6.32 7.55
C PHE B 145 43.26 6.52 7.37
N CYS B 146 43.77 6.13 6.21
CA CYS B 146 45.18 6.28 5.90
C CYS B 146 45.39 7.48 4.97
N VAL B 147 46.27 8.39 5.36
CA VAL B 147 46.56 9.56 4.55
C VAL B 147 46.73 9.11 3.12
N GLN B 148 46.08 9.81 2.19
CA GLN B 148 46.16 9.46 0.78
C GLN B 148 46.63 10.65 -0.05
N PRO B 149 47.69 10.45 -0.84
CA PRO B 149 48.30 11.47 -1.71
C PRO B 149 47.48 11.79 -2.96
N GLY B 153 43.43 14.92 0.13
CA GLY B 153 44.45 14.77 1.22
C GLY B 153 43.96 13.94 2.41
N ARG B 154 43.01 14.51 3.15
CA ARG B 154 42.40 13.85 4.31
C ARG B 154 40.89 14.07 4.20
N LYS B 155 40.11 13.00 4.33
CA LYS B 155 38.67 13.16 4.22
C LYS B 155 38.08 13.70 5.50
N PRO B 156 37.19 14.69 5.40
CA PRO B 156 36.55 15.29 6.56
C PRO B 156 35.60 14.30 7.23
N ALA B 157 35.36 14.50 8.52
CA ALA B 157 34.50 13.59 9.28
C ALA B 157 33.09 13.55 8.70
N ARG B 158 32.40 12.44 8.92
CA ARG B 158 31.04 12.34 8.41
C ARG B 158 30.09 12.86 9.49
N LEU B 159 28.90 13.26 9.07
CA LEU B 159 27.91 13.79 9.98
C LEU B 159 26.87 12.72 10.27
N ILE B 160 26.52 12.57 11.53
CA ILE B 160 25.51 11.59 11.89
C ILE B 160 24.39 12.34 12.62
N VAL B 161 23.16 12.16 12.15
CA VAL B 161 22.01 12.81 12.76
C VAL B 161 21.14 11.72 13.37
N PHE B 162 20.72 11.89 14.62
CA PHE B 162 19.89 10.86 15.25
C PHE B 162 18.98 11.40 16.35
N PRO B 163 17.77 10.84 16.45
CA PRO B 163 16.78 11.25 17.45
C PRO B 163 17.15 10.64 18.78
N ASP B 164 16.34 10.93 19.79
CA ASP B 164 16.57 10.43 21.14
C ASP B 164 16.42 8.92 21.17
N LEU B 165 17.02 8.29 22.18
CA LEU B 165 16.95 6.84 22.34
C LEU B 165 15.49 6.37 22.38
N GLY B 166 14.64 7.12 23.08
CA GLY B 166 13.23 6.76 23.16
C GLY B 166 12.61 6.60 21.79
N VAL B 167 12.82 7.59 20.93
CA VAL B 167 12.28 7.55 19.58
C VAL B 167 12.86 6.35 18.84
N ARG B 168 14.15 6.09 19.04
CA ARG B 168 14.80 4.95 18.38
C ARG B 168 14.09 3.67 18.73
N VAL B 169 13.73 3.48 20.00
CA VAL B 169 13.04 2.27 20.42
C VAL B 169 11.71 2.16 19.72
N CYS B 170 11.00 3.28 19.58
CA CYS B 170 9.72 3.26 18.90
C CYS B 170 9.86 2.93 17.42
N GLU B 171 10.91 3.43 16.79
CA GLU B 171 11.11 3.14 15.38
C GLU B 171 11.11 1.64 15.20
N LYS B 172 11.88 0.96 16.04
CA LYS B 172 11.98 -0.49 15.97
C LYS B 172 10.59 -1.12 16.03
N MET B 173 9.84 -0.80 17.08
CA MET B 173 8.49 -1.34 17.26
C MET B 173 7.63 -1.27 16.02
N ALA B 174 7.80 -0.20 15.26
CA ALA B 174 7.00 0.00 14.07
C ALA B 174 7.63 -0.34 12.73
N LEU B 175 8.95 -0.37 12.66
CA LEU B 175 9.59 -0.62 11.38
C LEU B 175 10.66 -1.69 11.30
N TYR B 176 10.95 -2.35 12.42
CA TYR B 176 11.98 -3.37 12.38
C TYR B 176 11.63 -4.46 11.37
N ASP B 177 10.52 -5.14 11.59
CA ASP B 177 10.10 -6.22 10.70
C ASP B 177 10.04 -5.72 9.26
N VAL B 178 9.61 -4.48 9.06
CA VAL B 178 9.53 -3.96 7.70
C VAL B 178 10.89 -3.81 7.04
N VAL B 179 11.82 -3.13 7.71
CA VAL B 179 13.14 -2.95 7.09
C VAL B 179 13.97 -4.22 7.02
N SER B 180 13.53 -5.27 7.73
CA SER B 180 14.26 -6.53 7.71
C SER B 180 13.66 -7.50 6.71
N THR B 181 12.54 -7.13 6.09
CA THR B 181 11.90 -8.04 5.15
C THR B 181 11.44 -7.43 3.84
N LEU B 182 10.93 -6.21 3.88
CA LEU B 182 10.42 -5.57 2.67
C LEU B 182 11.38 -5.45 1.49
N PRO B 183 12.59 -4.90 1.72
CA PRO B 183 13.57 -4.75 0.63
C PRO B 183 13.86 -6.01 -0.16
N GLN B 184 13.79 -7.17 0.49
CA GLN B 184 14.05 -8.43 -0.20
C GLN B 184 12.84 -8.84 -1.03
N ALA B 185 11.66 -8.48 -0.54
CA ALA B 185 10.43 -8.82 -1.24
C ALA B 185 10.23 -7.86 -2.42
N VAL B 186 10.97 -6.75 -2.41
CA VAL B 186 10.83 -5.76 -3.47
C VAL B 186 11.89 -5.86 -4.56
N MET B 187 13.15 -5.87 -4.17
CA MET B 187 14.26 -5.95 -5.13
C MET B 187 14.76 -7.36 -5.40
N GLY B 188 14.30 -8.32 -4.62
CA GLY B 188 14.71 -9.70 -4.84
C GLY B 188 16.20 -9.91 -4.77
N SER B 189 16.74 -10.69 -5.70
CA SER B 189 18.16 -10.97 -5.71
C SER B 189 19.04 -9.73 -5.69
N SER B 190 18.52 -8.60 -6.14
CA SER B 190 19.31 -7.36 -6.16
C SER B 190 19.60 -6.76 -4.78
N TYR B 191 18.88 -7.21 -3.74
CA TYR B 191 19.10 -6.68 -2.40
C TYR B 191 20.38 -7.28 -1.83
N GLY B 192 21.49 -6.57 -2.05
CA GLY B 192 22.78 -7.06 -1.61
C GLY B 192 22.96 -7.52 -0.18
N PHE B 193 22.16 -7.01 0.75
CA PHE B 193 22.35 -7.40 2.14
C PHE B 193 21.93 -8.82 2.50
N GLN B 194 21.20 -9.48 1.61
CA GLN B 194 20.74 -10.84 1.88
C GLN B 194 21.87 -11.83 1.74
N TYR B 195 22.95 -11.39 1.08
CA TYR B 195 24.11 -12.23 0.83
C TYR B 195 25.30 -12.10 1.80
N SER B 196 26.06 -13.17 1.94
CA SER B 196 27.24 -13.16 2.78
C SER B 196 28.35 -12.94 1.78
N PRO B 197 29.56 -12.60 2.24
CA PRO B 197 30.62 -12.40 1.25
C PRO B 197 30.68 -13.58 0.29
N LYS B 198 30.69 -14.78 0.86
CA LYS B 198 30.73 -16.03 0.11
C LYS B 198 29.54 -16.17 -0.84
N GLN B 199 28.56 -15.28 -0.69
CA GLN B 199 27.35 -15.29 -1.52
C GLN B 199 27.29 -14.17 -2.55
N ARG B 200 27.77 -12.99 -2.18
CA ARG B 200 27.78 -11.84 -3.08
C ARG B 200 28.54 -12.25 -4.35
N VAL B 201 29.82 -12.57 -4.18
CA VAL B 201 30.71 -12.99 -5.27
C VAL B 201 29.95 -14.00 -6.12
N GLU B 202 29.24 -14.89 -5.46
CA GLU B 202 28.45 -15.90 -6.12
C GLU B 202 27.43 -15.28 -7.07
N PHE B 203 26.68 -14.29 -6.58
CA PHE B 203 25.66 -13.64 -7.42
C PHE B 203 26.26 -12.73 -8.47
N LEU B 204 27.45 -12.21 -8.21
CA LEU B 204 28.09 -11.32 -9.17
C LEU B 204 28.61 -12.11 -10.37
N VAL B 205 29.25 -13.25 -10.10
CA VAL B 205 29.78 -14.09 -11.16
C VAL B 205 28.64 -14.62 -12.03
N ASN B 206 27.70 -15.30 -11.39
CA ASN B 206 26.56 -15.87 -12.09
C ASN B 206 25.83 -14.85 -12.94
N THR B 207 25.89 -13.59 -12.54
CA THR B 207 25.23 -12.52 -13.29
C THR B 207 26.13 -12.08 -14.44
N TRP B 208 27.44 -12.26 -14.25
CA TRP B 208 28.42 -11.87 -15.26
C TRP B 208 28.29 -12.82 -16.45
N LYS B 209 28.46 -14.11 -16.19
CA LYS B 209 28.37 -15.14 -17.20
C LYS B 209 27.00 -15.12 -17.86
N SER B 210 25.98 -14.84 -17.06
CA SER B 210 24.60 -14.82 -17.54
C SER B 210 24.38 -13.88 -18.72
N LYS B 211 25.43 -13.15 -19.11
CA LYS B 211 25.32 -12.22 -20.23
C LYS B 211 26.16 -12.74 -21.41
N LYS B 212 25.75 -12.40 -22.64
CA LYS B 212 26.50 -12.81 -23.82
C LYS B 212 27.88 -12.15 -23.66
N CYS B 213 27.89 -10.82 -23.62
CA CYS B 213 29.12 -10.04 -23.44
C CYS B 213 28.89 -9.09 -22.26
N PRO B 214 29.32 -9.51 -21.05
CA PRO B 214 29.22 -8.81 -19.75
C PRO B 214 30.03 -7.54 -19.52
N MET B 215 29.32 -6.44 -19.25
CA MET B 215 29.93 -5.15 -18.95
C MET B 215 29.24 -4.58 -17.72
N GLY B 216 30.03 -4.32 -16.68
CA GLY B 216 29.45 -3.78 -15.47
C GLY B 216 30.12 -2.49 -15.03
N PHE B 217 29.54 -1.85 -14.03
CA PHE B 217 30.11 -0.61 -13.54
C PHE B 217 29.59 -0.26 -12.15
N SER B 218 30.45 0.35 -11.37
CA SER B 218 30.07 0.78 -10.05
C SER B 218 29.62 2.22 -10.23
N TYR B 219 28.53 2.60 -9.55
CA TYR B 219 28.02 3.97 -9.65
C TYR B 219 28.07 4.60 -8.26
N ASP B 220 28.82 5.69 -8.14
CA ASP B 220 28.95 6.36 -6.86
C ASP B 220 28.27 7.71 -6.84
N THR B 221 27.34 7.88 -5.92
CA THR B 221 26.59 9.12 -5.79
C THR B 221 27.30 10.09 -4.85
N ARG B 222 27.36 11.36 -5.23
CA ARG B 222 28.01 12.37 -4.40
C ARG B 222 27.20 12.62 -3.13
N CYS B 223 27.62 12.00 -2.04
CA CYS B 223 26.95 12.16 -0.77
C CYS B 223 25.45 11.85 -0.86
N PHE B 224 25.14 10.65 -1.31
CA PHE B 224 23.77 10.20 -1.46
C PHE B 224 22.82 10.80 -0.43
N ASP B 225 23.04 10.49 0.83
CA ASP B 225 22.20 11.00 1.92
C ASP B 225 21.70 12.43 1.73
N SER B 226 22.58 13.35 1.34
CA SER B 226 22.17 14.73 1.18
C SER B 226 21.34 14.95 -0.08
N THR B 227 21.46 14.03 -1.03
CA THR B 227 20.72 14.11 -2.29
C THR B 227 19.27 13.66 -2.14
N VAL B 228 18.95 12.92 -1.08
CA VAL B 228 17.59 12.45 -0.86
C VAL B 228 16.64 13.62 -0.56
N THR B 229 15.60 13.75 -1.38
CA THR B 229 14.64 14.84 -1.23
C THR B 229 13.43 14.45 -0.39
N GLU B 230 12.66 15.44 0.03
CA GLU B 230 11.47 15.17 0.82
C GLU B 230 10.60 14.23 0.01
N SER B 231 10.51 14.50 -1.28
CA SER B 231 9.72 13.70 -2.21
C SER B 231 10.14 12.25 -2.15
N ASP B 232 11.45 12.01 -2.19
CA ASP B 232 11.98 10.65 -2.13
C ASP B 232 11.58 9.95 -0.85
N ILE B 233 11.53 10.70 0.25
CA ILE B 233 11.18 10.10 1.51
C ILE B 233 9.69 9.76 1.59
N ARG B 234 8.86 10.49 0.85
CA ARG B 234 7.44 10.20 0.86
C ARG B 234 7.13 9.01 -0.06
N VAL B 235 7.98 8.84 -1.09
CA VAL B 235 7.83 7.74 -2.06
C VAL B 235 8.17 6.44 -1.36
N GLU B 236 9.16 6.55 -0.47
CA GLU B 236 9.62 5.43 0.32
C GLU B 236 8.49 5.01 1.29
N GLU B 237 7.85 5.98 1.91
CA GLU B 237 6.78 5.68 2.85
C GLU B 237 5.66 4.99 2.13
N SER B 238 5.38 5.41 0.90
CA SER B 238 4.30 4.82 0.12
C SER B 238 4.60 3.35 -0.10
N ILE B 239 5.87 3.02 -0.24
CA ILE B 239 6.21 1.62 -0.42
C ILE B 239 5.87 0.92 0.89
N TYR B 240 6.36 1.46 2.00
CA TYR B 240 6.09 0.86 3.33
C TYR B 240 4.59 0.69 3.59
N GLN B 241 3.81 1.71 3.24
CA GLN B 241 2.37 1.66 3.44
C GLN B 241 1.67 0.53 2.71
N CYS B 242 2.37 -0.13 1.82
CA CYS B 242 1.75 -1.22 1.10
C CYS B 242 1.75 -2.49 1.94
N CYS B 243 2.61 -2.57 2.94
CA CYS B 243 2.64 -3.76 3.79
C CYS B 243 1.34 -3.80 4.58
N ASP B 244 0.98 -4.96 5.11
CA ASP B 244 -0.21 -5.05 5.92
C ASP B 244 0.34 -4.75 7.30
N LEU B 245 -0.04 -3.61 7.86
CA LEU B 245 0.45 -3.21 9.16
C LEU B 245 -0.65 -3.08 10.21
N ALA B 246 -0.27 -2.93 11.48
CA ALA B 246 -1.24 -2.76 12.55
C ALA B 246 -1.54 -1.29 12.56
N PRO B 247 -2.79 -0.90 12.83
CA PRO B 247 -3.13 0.52 12.85
C PRO B 247 -1.98 1.37 13.35
N GLU B 248 -1.72 1.30 14.65
CA GLU B 248 -0.66 2.08 15.28
C GLU B 248 0.67 2.02 14.54
N ALA B 249 1.01 0.88 13.96
CA ALA B 249 2.25 0.79 13.21
C ALA B 249 2.14 1.80 12.06
N ARG B 250 1.10 1.62 11.26
CA ARG B 250 0.84 2.48 10.11
C ARG B 250 0.97 3.95 10.47
N GLN B 251 0.22 4.37 11.49
CA GLN B 251 0.26 5.76 11.95
C GLN B 251 1.66 6.15 12.39
N ALA B 252 2.29 5.27 13.19
CA ALA B 252 3.64 5.51 13.68
C ALA B 252 4.53 5.79 12.48
N ILE B 253 4.32 5.04 11.41
CA ILE B 253 5.08 5.22 10.19
C ILE B 253 4.75 6.57 9.54
N ARG B 254 3.48 6.97 9.60
CA ARG B 254 3.07 8.26 9.03
C ARG B 254 3.81 9.38 9.76
N SER B 255 3.57 9.47 11.07
CA SER B 255 4.18 10.50 11.90
C SER B 255 5.71 10.49 11.86
N LEU B 256 6.31 9.31 12.02
CA LEU B 256 7.77 9.23 11.98
C LEU B 256 8.27 9.75 10.62
N THR B 257 7.47 9.59 9.58
CA THR B 257 7.91 10.04 8.26
C THR B 257 7.85 11.56 8.13
N GLU B 258 6.79 12.15 8.65
CA GLU B 258 6.64 13.58 8.54
C GLU B 258 7.45 14.35 9.58
N ARG B 259 7.51 13.81 10.78
CA ARG B 259 8.20 14.48 11.87
C ARG B 259 9.69 14.20 11.95
N LEU B 260 10.13 13.04 11.47
CA LEU B 260 11.55 12.71 11.59
C LEU B 260 12.31 12.47 10.30
N TYR B 261 11.84 11.54 9.49
CA TYR B 261 12.53 11.21 8.27
C TYR B 261 12.72 12.30 7.21
N ILE B 262 11.65 12.98 6.80
CA ILE B 262 11.78 14.02 5.78
C ILE B 262 12.70 15.15 6.21
N GLY B 263 12.95 15.27 7.50
CA GLY B 263 13.83 16.32 7.95
C GLY B 263 13.52 16.79 9.36
N GLY B 264 14.11 17.90 9.78
CA GLY B 264 13.88 18.40 11.12
C GLY B 264 15.03 19.25 11.61
N PRO B 265 14.99 19.74 12.85
CA PRO B 265 16.05 20.57 13.43
C PRO B 265 17.29 19.78 13.87
N LEU B 266 18.43 20.43 13.82
CA LEU B 266 19.67 19.79 14.23
C LEU B 266 20.17 20.38 15.55
N THR B 267 20.55 19.51 16.48
CA THR B 267 21.04 19.96 17.77
C THR B 267 22.40 19.36 18.11
N ASN B 268 23.36 20.21 18.49
CA ASN B 268 24.67 19.72 18.87
C ASN B 268 24.70 19.24 20.33
N SER B 269 25.80 18.59 20.69
CA SER B 269 25.98 18.05 22.02
C SER B 269 25.84 19.09 23.11
N LYS B 270 26.22 20.33 22.81
CA LYS B 270 26.15 21.39 23.81
C LYS B 270 24.74 21.97 23.96
N GLY B 271 23.74 21.29 23.41
CA GLY B 271 22.37 21.77 23.54
C GLY B 271 21.90 22.84 22.58
N GLN B 272 22.83 23.46 21.88
CA GLN B 272 22.50 24.52 20.92
C GLN B 272 21.83 23.97 19.66
N ASN B 273 21.29 24.88 18.85
CA ASN B 273 20.62 24.52 17.61
C ASN B 273 21.52 24.87 16.43
N CYS B 274 22.04 23.86 15.74
CA CYS B 274 22.91 24.10 14.59
C CYS B 274 22.20 24.49 13.32
N GLY B 275 20.97 24.02 13.16
CA GLY B 275 20.22 24.33 11.96
C GLY B 275 19.09 23.36 11.68
N TYR B 276 18.79 23.18 10.39
CA TYR B 276 17.71 22.32 9.96
C TYR B 276 18.09 21.39 8.82
N ARG B 277 17.61 20.15 8.91
CA ARG B 277 17.88 19.12 7.90
C ARG B 277 16.69 18.91 6.98
N ARG B 278 16.96 18.71 5.69
CA ARG B 278 15.89 18.46 4.71
C ARG B 278 16.21 17.26 3.84
N CYS B 279 17.17 16.45 4.27
CA CYS B 279 17.53 15.26 3.54
C CYS B 279 17.62 14.10 4.51
N ARG B 280 18.04 12.94 4.02
CA ARG B 280 18.18 11.73 4.83
C ARG B 280 19.03 11.89 6.07
N ALA B 281 18.49 11.52 7.22
CA ALA B 281 19.26 11.55 8.46
C ALA B 281 20.02 10.23 8.37
N SER B 282 21.26 10.20 8.84
CA SER B 282 22.03 8.96 8.73
C SER B 282 21.80 7.96 9.84
N GLY B 283 21.25 8.43 10.96
CA GLY B 283 21.02 7.56 12.10
C GLY B 283 19.57 7.35 12.51
N VAL B 284 18.80 6.73 11.63
CA VAL B 284 17.41 6.40 11.89
C VAL B 284 17.28 4.98 11.39
N LEU B 285 16.34 4.24 11.95
CA LEU B 285 16.18 2.84 11.57
C LEU B 285 15.95 2.58 10.09
N THR B 286 15.48 3.57 9.35
CA THR B 286 15.19 3.34 7.95
C THR B 286 16.19 3.83 6.92
N THR B 287 17.34 4.32 7.36
CA THR B 287 18.35 4.81 6.43
C THR B 287 18.86 3.75 5.47
N SER B 288 19.32 2.63 6.01
CA SER B 288 19.86 1.56 5.19
C SER B 288 18.82 1.02 4.19
N CYS B 289 17.59 0.87 4.63
CA CYS B 289 16.51 0.36 3.79
C CYS B 289 16.02 1.43 2.82
N GLY B 290 15.89 2.65 3.32
CA GLY B 290 15.44 3.77 2.50
C GLY B 290 16.41 4.11 1.41
N ASN B 291 17.71 4.01 1.72
CA ASN B 291 18.72 4.29 0.71
C ASN B 291 18.66 3.18 -0.31
N THR B 292 18.75 1.93 0.16
CA THR B 292 18.70 0.79 -0.75
C THR B 292 17.53 0.91 -1.73
N LEU B 293 16.31 1.07 -1.23
CA LEU B 293 15.15 1.20 -2.09
C LEU B 293 15.32 2.35 -3.08
N THR B 294 15.53 3.56 -2.57
CA THR B 294 15.68 4.75 -3.40
C THR B 294 16.78 4.66 -4.47
N CYS B 295 17.94 4.16 -4.10
CA CYS B 295 19.04 4.01 -5.04
C CYS B 295 18.61 3.01 -6.11
N TYR B 296 17.92 1.96 -5.69
CA TYR B 296 17.44 0.94 -6.62
C TYR B 296 16.29 1.45 -7.48
N LEU B 297 15.46 2.29 -6.90
CA LEU B 297 14.34 2.85 -7.65
C LEU B 297 14.88 3.79 -8.71
N LYS B 298 15.83 4.64 -8.33
CA LYS B 298 16.39 5.57 -9.28
C LYS B 298 17.20 4.90 -10.39
N ALA B 299 18.14 4.03 -10.02
CA ALA B 299 18.96 3.34 -11.01
C ALA B 299 18.11 2.53 -12.00
N THR B 300 17.27 1.65 -11.48
CA THR B 300 16.44 0.85 -12.35
C THR B 300 15.69 1.69 -13.38
N ALA B 301 15.16 2.83 -12.95
CA ALA B 301 14.44 3.70 -13.87
C ALA B 301 15.42 4.39 -14.80
N ALA B 302 16.56 4.80 -14.26
CA ALA B 302 17.58 5.46 -15.06
C ALA B 302 18.09 4.51 -16.15
N CYS B 303 18.19 3.23 -15.81
CA CYS B 303 18.66 2.25 -16.78
C CYS B 303 17.73 2.11 -17.97
N ARG B 304 16.45 2.43 -17.78
CA ARG B 304 15.49 2.34 -18.85
C ARG B 304 15.56 3.58 -19.72
N ALA B 305 16.10 4.66 -19.15
CA ALA B 305 16.23 5.91 -19.88
C ALA B 305 17.46 5.86 -20.77
N ALA B 306 18.60 5.58 -20.15
CA ALA B 306 19.85 5.49 -20.88
C ALA B 306 19.79 4.32 -21.85
N LYS B 307 18.73 3.53 -21.77
CA LYS B 307 18.55 2.37 -22.64
C LYS B 307 19.66 1.34 -22.56
N LEU B 308 20.16 1.08 -21.35
CA LEU B 308 21.18 0.06 -21.18
C LEU B 308 20.45 -1.28 -21.29
N GLN B 309 21.01 -2.23 -22.04
CA GLN B 309 20.34 -3.51 -22.22
C GLN B 309 20.51 -4.49 -21.08
N ASP B 310 19.43 -5.20 -20.77
CA ASP B 310 19.36 -6.21 -19.71
C ASP B 310 20.25 -5.90 -18.51
N CYS B 311 20.00 -4.76 -17.86
CA CYS B 311 20.77 -4.38 -16.69
C CYS B 311 20.28 -5.10 -15.44
N THR B 312 21.22 -5.47 -14.58
CA THR B 312 20.95 -6.18 -13.34
C THR B 312 21.59 -5.40 -12.19
N MET B 313 20.78 -5.04 -11.20
CA MET B 313 21.26 -4.26 -10.06
C MET B 313 21.74 -5.07 -8.89
N LEU B 314 22.54 -4.42 -8.06
CA LEU B 314 23.05 -5.01 -6.84
C LEU B 314 23.30 -3.80 -5.94
N VAL B 315 22.35 -3.53 -5.04
CA VAL B 315 22.45 -2.38 -4.15
C VAL B 315 22.62 -2.71 -2.68
N ASN B 316 23.35 -1.84 -1.99
CA ASN B 316 23.61 -1.96 -0.56
C ASN B 316 23.60 -0.54 -0.01
N GLY B 317 22.42 0.02 0.23
CA GLY B 317 22.37 1.38 0.71
C GLY B 317 22.65 2.29 -0.47
N ASP B 318 23.58 3.23 -0.31
CA ASP B 318 23.91 4.17 -1.39
C ASP B 318 24.88 3.54 -2.37
N ASP B 319 25.34 2.34 -2.04
CA ASP B 319 26.27 1.64 -2.89
C ASP B 319 25.55 0.88 -3.97
N LEU B 320 25.91 1.16 -5.21
CA LEU B 320 25.29 0.53 -6.38
C LEU B 320 26.31 -0.10 -7.32
N VAL B 321 25.91 -1.19 -7.97
CA VAL B 321 26.77 -1.89 -8.95
C VAL B 321 25.89 -2.50 -10.03
N VAL B 322 26.09 -2.06 -11.27
CA VAL B 322 25.30 -2.55 -12.38
C VAL B 322 26.08 -3.48 -13.33
N ILE B 323 25.45 -4.57 -13.72
CA ILE B 323 26.06 -5.55 -14.64
C ILE B 323 25.07 -5.73 -15.77
N CYS B 324 25.53 -5.51 -17.00
CA CYS B 324 24.61 -5.63 -18.12
C CYS B 324 25.23 -6.06 -19.43
N GLU B 325 24.37 -6.18 -20.43
CA GLU B 325 24.76 -6.60 -21.77
C GLU B 325 25.43 -5.45 -22.51
N SER B 326 26.64 -5.69 -23.00
CA SER B 326 27.39 -4.68 -23.72
C SER B 326 26.80 -4.48 -25.11
N ALA B 327 27.21 -3.41 -25.77
CA ALA B 327 26.72 -3.10 -27.11
C ALA B 327 27.70 -2.14 -27.78
N GLY B 328 28.97 -2.48 -27.73
CA GLY B 328 29.99 -1.64 -28.35
C GLY B 328 30.70 -0.71 -27.40
N THR B 329 32.02 -0.84 -27.31
CA THR B 329 32.82 0.02 -26.45
C THR B 329 32.39 1.46 -26.66
N GLN B 330 31.89 1.74 -27.87
CA GLN B 330 31.41 3.07 -28.23
C GLN B 330 30.09 3.37 -27.54
N GLU B 331 29.06 2.59 -27.87
CA GLU B 331 27.72 2.76 -27.28
C GLU B 331 27.71 2.60 -25.77
N ASP B 332 28.48 1.63 -25.29
CA ASP B 332 28.57 1.37 -23.86
C ASP B 332 28.89 2.65 -23.10
N ALA B 333 29.83 3.43 -23.64
CA ALA B 333 30.23 4.68 -23.00
C ALA B 333 29.13 5.73 -23.09
N ALA B 334 28.54 5.85 -24.27
CA ALA B 334 27.47 6.83 -24.48
C ALA B 334 26.30 6.56 -23.54
N ALA B 335 25.89 5.30 -23.46
CA ALA B 335 24.78 4.93 -22.61
C ALA B 335 25.08 5.29 -21.16
N LEU B 336 26.22 4.83 -20.65
CA LEU B 336 26.59 5.12 -19.28
C LEU B 336 26.44 6.62 -19.02
N ARG B 337 26.84 7.44 -19.99
CA ARG B 337 26.71 8.88 -19.80
C ARG B 337 25.24 9.22 -19.64
N ALA B 338 24.41 8.66 -20.52
CA ALA B 338 22.96 8.89 -20.46
C ALA B 338 22.48 8.51 -19.07
N PHE B 339 22.88 7.31 -18.63
CA PHE B 339 22.54 6.78 -17.32
C PHE B 339 22.82 7.80 -16.24
N THR B 340 23.99 8.43 -16.30
CA THR B 340 24.36 9.45 -15.30
C THR B 340 23.46 10.69 -15.38
N GLU B 341 23.17 11.13 -16.60
CA GLU B 341 22.33 12.29 -16.79
C GLU B 341 20.93 12.06 -16.23
N ALA B 342 20.49 10.81 -16.27
CA ALA B 342 19.17 10.45 -15.75
C ALA B 342 19.21 10.52 -14.23
N MET B 343 20.10 9.74 -13.64
CA MET B 343 20.24 9.72 -12.20
C MET B 343 20.36 11.14 -11.69
N THR B 344 21.07 11.97 -12.43
CA THR B 344 21.23 13.35 -12.01
C THR B 344 19.88 14.06 -12.05
N ARG B 345 19.01 13.67 -12.98
CA ARG B 345 17.71 14.30 -13.05
C ARG B 345 16.86 13.81 -11.88
N TYR B 346 17.16 12.61 -11.39
CA TYR B 346 16.44 12.01 -10.27
C TYR B 346 16.98 12.53 -8.94
N SER B 347 17.94 13.45 -9.03
CA SER B 347 18.57 14.04 -7.88
C SER B 347 19.56 13.08 -7.24
N ALA B 348 20.41 12.48 -8.07
CA ALA B 348 21.43 11.54 -7.60
C ALA B 348 22.67 11.67 -8.48
N PRO B 349 23.31 12.84 -8.46
CA PRO B 349 24.51 13.10 -9.25
C PRO B 349 25.65 12.22 -8.77
N PRO B 350 26.70 12.08 -9.59
CA PRO B 350 27.87 11.27 -9.28
C PRO B 350 29.03 12.05 -8.68
N GLY B 351 29.87 11.34 -7.92
CA GLY B 351 31.04 11.95 -7.34
C GLY B 351 32.10 11.72 -8.40
N ASP B 352 32.63 10.50 -8.44
CA ASP B 352 33.63 10.16 -9.45
C ASP B 352 32.81 9.63 -10.62
N PRO B 353 32.89 10.29 -11.79
CA PRO B 353 32.13 9.78 -12.93
C PRO B 353 32.33 8.28 -13.12
N PRO B 354 31.24 7.56 -13.37
CA PRO B 354 31.35 6.11 -13.57
C PRO B 354 31.96 5.82 -14.94
N GLN B 355 32.74 4.75 -15.02
CA GLN B 355 33.40 4.33 -16.24
C GLN B 355 33.21 2.83 -16.39
N PRO B 356 32.88 2.37 -17.60
CA PRO B 356 32.67 0.94 -17.86
C PRO B 356 33.90 0.05 -17.63
N GLU B 357 33.63 -1.14 -17.09
CA GLU B 357 34.65 -2.16 -16.83
C GLU B 357 34.18 -3.40 -17.56
N TYR B 358 35.13 -4.25 -17.96
CA TYR B 358 34.82 -5.47 -18.69
C TYR B 358 35.44 -6.69 -18.03
N ASP B 359 36.21 -6.42 -16.98
CA ASP B 359 36.85 -7.49 -16.23
C ASP B 359 36.22 -7.45 -14.84
N LEU B 360 35.44 -8.47 -14.53
CA LEU B 360 34.75 -8.51 -13.25
C LEU B 360 35.63 -8.10 -12.08
N GLU B 361 36.86 -8.60 -12.05
CA GLU B 361 37.78 -8.29 -10.96
C GLU B 361 38.04 -6.80 -10.76
N LEU B 362 37.79 -5.99 -11.78
CA LEU B 362 38.04 -4.54 -11.69
C LEU B 362 36.86 -3.70 -11.17
N ILE B 363 35.74 -4.35 -10.89
CA ILE B 363 34.58 -3.64 -10.37
C ILE B 363 34.64 -3.56 -8.85
N THR B 364 34.39 -2.37 -8.31
CA THR B 364 34.43 -2.17 -6.87
C THR B 364 33.10 -1.77 -6.24
N SER B 365 32.53 -2.65 -5.45
CA SER B 365 31.25 -2.37 -4.79
C SER B 365 31.38 -2.69 -3.29
N CYS B 366 30.70 -1.90 -2.47
CA CYS B 366 30.74 -2.07 -1.03
C CYS B 366 32.19 -2.00 -0.58
N SER B 367 32.96 -1.17 -1.27
CA SER B 367 34.36 -0.96 -0.97
C SER B 367 35.20 -2.22 -1.20
N SER B 368 34.58 -3.25 -1.75
CA SER B 368 35.28 -4.50 -2.00
C SER B 368 35.14 -4.96 -3.44
N ASN B 369 35.87 -6.01 -3.80
CA ASN B 369 35.82 -6.54 -5.16
C ASN B 369 36.02 -8.05 -5.21
N VAL B 370 35.74 -8.63 -6.37
CA VAL B 370 35.87 -10.06 -6.58
C VAL B 370 37.23 -10.39 -7.18
N SER B 371 37.87 -11.42 -6.64
CA SER B 371 39.18 -11.86 -7.14
C SER B 371 39.23 -13.37 -7.06
N VAL B 372 40.35 -13.97 -7.46
CA VAL B 372 40.45 -15.42 -7.41
C VAL B 372 41.77 -15.98 -6.88
N ALA B 373 41.66 -17.11 -6.17
CA ALA B 373 42.83 -17.79 -5.60
C ALA B 373 42.62 -19.29 -5.81
N HIS B 374 43.52 -20.09 -5.27
CA HIS B 374 43.44 -21.55 -5.42
C HIS B 374 43.48 -22.26 -4.07
N ASP B 375 42.77 -23.37 -3.98
CA ASP B 375 42.71 -24.16 -2.75
C ASP B 375 43.74 -25.29 -2.77
N ALA B 376 43.65 -26.17 -1.77
CA ALA B 376 44.56 -27.31 -1.64
C ALA B 376 44.74 -28.09 -2.94
N SER B 377 43.64 -28.55 -3.51
CA SER B 377 43.70 -29.33 -4.75
C SER B 377 43.91 -28.48 -5.99
N GLY B 378 44.66 -27.40 -5.85
CA GLY B 378 44.93 -26.51 -6.97
C GLY B 378 43.71 -26.24 -7.84
N LYS B 379 42.60 -25.92 -7.19
CA LYS B 379 41.36 -25.62 -7.90
C LYS B 379 41.04 -24.15 -7.71
N ARG B 380 40.43 -23.52 -8.71
CA ARG B 380 40.09 -22.11 -8.61
C ARG B 380 38.94 -21.88 -7.63
N VAL B 381 39.11 -20.86 -6.80
CA VAL B 381 38.11 -20.51 -5.81
C VAL B 381 37.86 -19.01 -5.91
N TYR B 382 36.58 -18.62 -5.96
CA TYR B 382 36.23 -17.22 -6.04
C TYR B 382 36.05 -16.64 -4.64
N TYR B 383 36.45 -15.40 -4.45
CA TYR B 383 36.32 -14.77 -3.14
C TYR B 383 36.24 -13.25 -3.22
N LEU B 384 35.69 -12.64 -2.17
CA LEU B 384 35.55 -11.19 -2.12
C LEU B 384 36.70 -10.61 -1.33
N THR B 385 37.26 -9.50 -1.83
CA THR B 385 38.39 -8.87 -1.15
C THR B 385 38.27 -7.34 -1.26
N ARG B 386 39.31 -6.64 -0.85
CA ARG B 386 39.32 -5.18 -0.93
C ARG B 386 40.72 -4.66 -0.62
N ASP B 387 40.98 -3.41 -1.00
CA ASP B 387 42.27 -2.81 -0.71
C ASP B 387 42.39 -2.82 0.80
N PRO B 388 43.41 -3.49 1.35
CA PRO B 388 43.61 -3.57 2.80
C PRO B 388 44.04 -2.28 3.50
N THR B 389 44.18 -1.19 2.74
CA THR B 389 44.62 0.06 3.33
C THR B 389 43.86 0.44 4.61
N THR B 390 42.55 0.63 4.50
CA THR B 390 41.75 1.01 5.66
C THR B 390 41.66 -0.05 6.75
N PRO B 391 41.43 -1.32 6.38
CA PRO B 391 41.35 -2.34 7.44
C PRO B 391 42.60 -2.30 8.34
N LEU B 392 43.78 -2.40 7.73
CA LEU B 392 45.03 -2.36 8.48
C LEU B 392 45.21 -1.06 9.28
N ALA B 393 44.80 0.06 8.69
CA ALA B 393 44.94 1.34 9.36
C ALA B 393 44.21 1.36 10.71
N ARG B 394 42.90 1.11 10.70
CA ARG B 394 42.14 1.11 11.95
C ARG B 394 42.53 -0.10 12.81
N ALA B 395 43.02 -1.15 12.16
CA ALA B 395 43.46 -2.33 12.91
C ALA B 395 44.48 -1.80 13.91
N ALA B 396 45.45 -1.05 13.38
CA ALA B 396 46.53 -0.46 14.18
C ALA B 396 45.98 0.49 15.24
N TRP B 397 44.86 1.12 14.91
CA TRP B 397 44.23 2.06 15.84
C TRP B 397 43.64 1.38 17.07
N GLU B 398 43.10 0.18 16.89
CA GLU B 398 42.49 -0.55 17.99
C GLU B 398 43.53 -1.33 18.78
N THR B 399 44.78 -1.32 18.28
CA THR B 399 45.88 -2.02 18.95
C THR B 399 46.39 -1.08 20.02
N ALA B 400 46.49 0.19 19.66
CA ALA B 400 46.95 1.21 20.58
C ALA B 400 45.81 1.56 21.53
N ARG B 401 44.99 2.53 21.13
CA ARG B 401 43.86 2.98 21.94
C ARG B 401 42.73 1.93 21.99
N HIS B 402 41.99 1.92 23.09
CA HIS B 402 40.90 0.96 23.23
C HIS B 402 39.57 1.53 22.75
N THR B 403 38.79 0.69 22.07
CA THR B 403 37.50 1.11 21.54
C THR B 403 36.47 -0.01 21.61
N PRO B 404 35.20 0.34 21.91
CA PRO B 404 34.03 -0.54 22.04
C PRO B 404 33.77 -1.50 20.88
N ILE B 405 33.89 -1.01 19.65
CA ILE B 405 33.66 -1.82 18.46
C ILE B 405 34.96 -2.18 17.77
N ASN B 406 35.18 -3.47 17.54
CA ASN B 406 36.39 -3.95 16.90
C ASN B 406 36.20 -4.29 15.44
N SER B 407 36.72 -3.42 14.59
CA SER B 407 36.62 -3.60 13.16
C SER B 407 37.45 -4.79 12.70
N TRP B 408 38.66 -4.92 13.23
CA TRP B 408 39.53 -6.03 12.84
C TRP B 408 38.84 -7.39 12.92
N LEU B 409 38.10 -7.63 14.01
CA LEU B 409 37.40 -8.88 14.19
C LEU B 409 36.36 -9.09 13.11
N GLY B 410 35.70 -8.01 12.71
CA GLY B 410 34.70 -8.12 11.66
C GLY B 410 35.38 -8.40 10.34
N ASN B 411 36.50 -7.71 10.10
CA ASN B 411 37.24 -7.88 8.86
C ASN B 411 37.77 -9.29 8.68
N ILE B 412 38.10 -9.97 9.78
CA ILE B 412 38.60 -11.34 9.70
C ILE B 412 37.48 -12.25 9.21
N ILE B 413 36.30 -12.08 9.79
CA ILE B 413 35.14 -12.86 9.44
C ILE B 413 34.73 -12.59 8.00
N MET B 414 34.46 -11.33 7.68
CA MET B 414 34.04 -10.98 6.33
C MET B 414 35.10 -11.29 5.26
N TYR B 415 36.36 -10.94 5.54
CA TYR B 415 37.45 -11.17 4.59
C TYR B 415 38.39 -12.27 5.07
N ALA B 416 37.82 -13.41 5.43
CA ALA B 416 38.59 -14.55 5.94
C ALA B 416 39.51 -15.23 4.92
N PRO B 417 39.14 -15.23 3.64
CA PRO B 417 40.05 -15.88 2.69
C PRO B 417 41.14 -14.98 2.11
N THR B 418 41.18 -13.72 2.54
CA THR B 418 42.14 -12.75 2.03
C THR B 418 43.57 -12.86 2.56
N LEU B 419 44.53 -12.71 1.65
CA LEU B 419 45.94 -12.80 1.99
C LEU B 419 46.33 -11.97 3.20
N TRP B 420 45.80 -10.75 3.29
CA TRP B 420 46.13 -9.86 4.41
C TRP B 420 45.52 -10.26 5.75
N ALA B 421 44.22 -10.49 5.76
CA ALA B 421 43.53 -10.87 7.00
C ALA B 421 44.20 -12.07 7.64
N ARG B 422 44.45 -13.09 6.83
CA ARG B 422 45.09 -14.33 7.28
C ARG B 422 46.51 -14.10 7.82
N MET B 423 47.35 -13.49 7.01
CA MET B 423 48.74 -13.25 7.37
C MET B 423 48.98 -12.19 8.46
N ILE B 424 48.30 -11.05 8.35
CA ILE B 424 48.48 -9.95 9.29
C ILE B 424 47.56 -9.92 10.51
N LEU B 425 46.31 -9.57 10.26
CA LEU B 425 45.30 -9.45 11.32
C LEU B 425 45.15 -10.69 12.21
N MET B 426 44.91 -11.85 11.62
CA MET B 426 44.76 -13.04 12.43
C MET B 426 45.97 -13.23 13.35
N THR B 427 47.15 -13.16 12.76
CA THR B 427 48.40 -13.31 13.50
C THR B 427 48.54 -12.27 14.61
N HIS B 428 48.34 -11.00 14.24
CA HIS B 428 48.49 -9.88 15.17
C HIS B 428 47.63 -9.89 16.45
N PHE B 429 46.35 -10.19 16.31
CA PHE B 429 45.42 -10.17 17.46
C PHE B 429 45.37 -11.45 18.31
N PHE B 430 45.48 -12.63 17.70
CA PHE B 430 45.50 -13.85 18.49
C PHE B 430 46.75 -13.73 19.36
N SER B 431 47.79 -13.15 18.77
CA SER B 431 49.05 -12.94 19.44
C SER B 431 48.80 -12.04 20.67
N ILE B 432 47.97 -11.02 20.49
CA ILE B 432 47.62 -10.08 21.55
C ILE B 432 46.69 -10.69 22.60
N LEU B 433 45.72 -11.49 22.13
CA LEU B 433 44.77 -12.12 23.03
C LEU B 433 45.39 -13.26 23.83
N LEU B 434 46.62 -13.63 23.49
CA LEU B 434 47.31 -14.69 24.20
C LEU B 434 48.14 -14.10 25.32
N ALA B 435 48.87 -13.02 25.01
CA ALA B 435 49.73 -12.35 25.98
C ALA B 435 48.94 -11.71 27.13
N GLN B 436 47.63 -11.55 26.94
CA GLN B 436 46.77 -10.96 27.95
C GLN B 436 45.80 -12.00 28.46
N GLU B 437 45.78 -13.15 27.79
CA GLU B 437 44.89 -14.25 28.15
C GLU B 437 43.46 -13.76 28.19
N GLN B 438 42.86 -13.64 27.02
CA GLN B 438 41.48 -13.17 26.88
C GLN B 438 40.84 -13.76 25.64
N LEU B 439 41.33 -14.91 25.20
CA LEU B 439 40.80 -15.59 24.03
C LEU B 439 39.35 -15.96 24.29
N GLU B 440 39.03 -16.19 25.56
CA GLU B 440 37.69 -16.57 25.96
C GLU B 440 36.71 -15.41 25.83
N LYS B 441 37.07 -14.27 26.43
CA LYS B 441 36.24 -13.06 26.39
C LYS B 441 35.55 -12.83 25.03
N ALA B 442 34.32 -12.32 25.09
CA ALA B 442 33.55 -12.04 23.89
C ALA B 442 33.70 -10.59 23.42
N LEU B 443 33.92 -10.42 22.13
CA LEU B 443 34.10 -9.09 21.53
C LEU B 443 32.98 -8.71 20.58
N ASP B 444 32.65 -7.42 20.52
CA ASP B 444 31.59 -6.93 19.65
C ASP B 444 32.14 -6.50 18.29
N CYS B 445 31.59 -7.08 17.22
CA CYS B 445 31.99 -6.71 15.88
C CYS B 445 30.70 -6.40 15.12
N GLN B 446 30.81 -5.90 13.89
CA GLN B 446 29.61 -5.57 13.14
C GLN B 446 29.56 -6.15 11.74
N ILE B 447 28.36 -6.50 11.31
CA ILE B 447 28.13 -7.06 9.99
C ILE B 447 26.91 -6.32 9.44
N TYR B 448 27.13 -5.57 8.37
CA TYR B 448 26.08 -4.79 7.73
C TYR B 448 25.39 -3.85 8.71
N GLY B 449 26.18 -3.17 9.54
CA GLY B 449 25.63 -2.19 10.46
C GLY B 449 25.09 -2.64 11.81
N ALA B 450 24.82 -3.93 11.95
CA ALA B 450 24.31 -4.45 13.21
C ALA B 450 25.45 -4.97 14.08
N CYS B 451 25.31 -4.79 15.38
CA CYS B 451 26.32 -5.22 16.35
C CYS B 451 26.07 -6.68 16.76
N TYR B 452 27.16 -7.44 16.90
CA TYR B 452 27.08 -8.85 17.30
C TYR B 452 28.19 -9.15 18.31
N SER B 453 27.97 -10.18 19.13
CA SER B 453 28.95 -10.61 20.12
C SER B 453 29.58 -11.90 19.60
N ILE B 454 30.91 -11.93 19.53
CA ILE B 454 31.60 -13.12 19.05
C ILE B 454 32.79 -13.49 19.93
N GLU B 455 33.03 -14.79 20.05
CA GLU B 455 34.15 -15.29 20.84
C GLU B 455 35.31 -15.63 19.91
N PRO B 456 36.43 -14.91 20.08
CA PRO B 456 37.64 -15.09 19.26
C PRO B 456 37.94 -16.57 18.96
N LEU B 457 37.73 -17.41 19.97
CA LEU B 457 37.99 -18.84 19.86
C LEU B 457 37.03 -19.58 18.91
N ASP B 458 35.88 -18.97 18.63
CA ASP B 458 34.92 -19.60 17.75
C ASP B 458 35.22 -19.25 16.29
N LEU B 459 36.20 -18.39 16.08
CA LEU B 459 36.55 -17.96 14.73
C LEU B 459 36.72 -19.05 13.69
N PRO B 460 37.29 -20.19 14.08
CA PRO B 460 37.50 -21.30 13.13
C PRO B 460 36.24 -21.85 12.49
N GLN B 461 35.26 -22.20 13.34
CA GLN B 461 34.00 -22.76 12.85
C GLN B 461 33.27 -21.77 11.98
N ILE B 462 33.26 -20.50 12.41
CA ILE B 462 32.55 -19.46 11.68
C ILE B 462 33.09 -19.25 10.26
N ILE B 463 34.41 -19.32 10.10
CA ILE B 463 35.01 -19.13 8.79
C ILE B 463 34.69 -20.31 7.86
N GLU B 464 34.80 -21.52 8.40
CA GLU B 464 34.51 -22.71 7.62
C GLU B 464 33.05 -22.75 7.21
N ARG B 465 32.20 -22.16 8.04
CA ARG B 465 30.76 -22.12 7.80
C ARG B 465 30.33 -21.08 6.76
N LEU B 466 30.84 -19.86 6.91
CA LEU B 466 30.49 -18.78 6.00
C LEU B 466 31.16 -18.91 4.63
N HIS B 467 32.46 -19.18 4.63
CA HIS B 467 33.22 -19.29 3.39
C HIS B 467 33.46 -20.73 2.91
N GLY B 468 33.93 -21.58 3.82
CA GLY B 468 34.22 -22.97 3.50
C GLY B 468 35.62 -23.32 3.94
N LEU B 469 36.03 -24.57 3.76
CA LEU B 469 37.39 -24.95 4.15
C LEU B 469 38.45 -24.34 3.24
N SER B 470 38.10 -24.15 1.97
CA SER B 470 39.02 -23.56 1.00
C SER B 470 39.73 -22.36 1.62
N ALA B 471 39.03 -21.67 2.52
CA ALA B 471 39.54 -20.48 3.21
C ALA B 471 40.88 -20.62 3.93
N PHE B 472 41.05 -21.71 4.66
CA PHE B 472 42.29 -21.95 5.40
C PHE B 472 43.43 -22.49 4.53
N THR B 473 43.10 -22.93 3.31
CA THR B 473 44.09 -23.51 2.40
C THR B 473 44.38 -22.77 1.07
N LEU B 474 43.89 -21.54 0.92
CA LEU B 474 44.12 -20.82 -0.33
C LEU B 474 45.58 -20.35 -0.50
N HIS B 475 46.00 -20.24 -1.76
CA HIS B 475 47.35 -19.81 -2.10
C HIS B 475 47.36 -19.40 -3.57
N SER B 476 48.40 -18.67 -3.98
CA SER B 476 48.52 -18.22 -5.36
C SER B 476 47.38 -17.30 -5.77
N TYR B 477 47.39 -16.09 -5.22
CA TYR B 477 46.38 -15.09 -5.52
C TYR B 477 46.79 -14.35 -6.80
N SER B 478 45.83 -13.75 -7.49
CA SER B 478 46.11 -13.02 -8.71
C SER B 478 47.22 -12.00 -8.49
N PRO B 479 47.89 -11.60 -9.58
CA PRO B 479 48.97 -10.62 -9.47
C PRO B 479 48.47 -9.32 -8.86
N GLY B 480 47.34 -8.84 -9.37
CA GLY B 480 46.74 -7.60 -8.88
C GLY B 480 46.56 -7.52 -7.38
N GLU B 481 46.07 -8.60 -6.79
CA GLU B 481 45.85 -8.66 -5.34
C GLU B 481 47.15 -8.62 -4.55
N ILE B 482 48.13 -9.40 -5.00
CA ILE B 482 49.42 -9.45 -4.33
C ILE B 482 50.11 -8.10 -4.44
N ASN B 483 50.05 -7.50 -5.63
CA ASN B 483 50.69 -6.21 -5.83
C ASN B 483 50.03 -5.17 -4.97
N ARG B 484 48.71 -5.27 -4.85
CA ARG B 484 47.98 -4.32 -4.02
C ARG B 484 48.35 -4.50 -2.54
N VAL B 485 48.41 -5.73 -2.06
CA VAL B 485 48.77 -5.94 -0.66
C VAL B 485 50.19 -5.44 -0.35
N ALA B 486 51.13 -5.74 -1.25
CA ALA B 486 52.50 -5.31 -1.05
C ALA B 486 52.60 -3.79 -0.91
N SER B 487 52.02 -3.09 -1.89
CA SER B 487 52.03 -1.63 -1.92
C SER B 487 51.51 -1.01 -0.62
N CYS B 488 50.49 -1.64 -0.03
CA CYS B 488 49.91 -1.15 1.21
C CYS B 488 50.92 -1.25 2.36
N LEU B 489 51.58 -2.40 2.47
CA LEU B 489 52.56 -2.57 3.54
C LEU B 489 53.67 -1.52 3.38
N ARG B 490 54.08 -1.29 2.13
CA ARG B 490 55.12 -0.30 1.86
C ARG B 490 54.67 1.07 2.35
N LYS B 491 53.51 1.50 1.88
CA LYS B 491 52.97 2.80 2.25
C LYS B 491 52.75 2.94 3.76
N LEU B 492 52.25 1.89 4.40
CA LEU B 492 51.96 1.94 5.83
C LEU B 492 53.16 1.66 6.73
N GLY B 493 54.14 0.96 6.18
CA GLY B 493 55.31 0.62 6.95
C GLY B 493 55.03 -0.65 7.71
N VAL B 494 54.34 -1.57 7.06
CA VAL B 494 53.98 -2.85 7.66
C VAL B 494 54.99 -3.93 7.28
N PRO B 495 55.56 -4.60 8.29
CA PRO B 495 56.56 -5.68 8.19
C PRO B 495 56.36 -6.69 7.04
N PRO B 496 57.43 -7.42 6.72
CA PRO B 496 57.50 -8.44 5.66
C PRO B 496 56.98 -9.81 6.10
N LEU B 497 56.73 -10.67 5.12
CA LEU B 497 56.23 -12.02 5.34
C LEU B 497 56.99 -12.84 6.39
N ARG B 498 58.31 -12.77 6.36
CA ARG B 498 59.12 -13.52 7.32
C ARG B 498 58.65 -13.20 8.74
N THR B 499 58.47 -11.91 9.02
CA THR B 499 58.04 -11.47 10.35
C THR B 499 56.68 -12.04 10.78
N TRP B 500 55.70 -12.04 9.87
CA TRP B 500 54.39 -12.56 10.22
C TRP B 500 54.46 -14.09 10.29
N ARG B 501 55.26 -14.68 9.39
CA ARG B 501 55.46 -16.12 9.37
C ARG B 501 55.98 -16.55 10.73
N HIS B 502 57.00 -15.84 11.20
CA HIS B 502 57.63 -16.09 12.48
C HIS B 502 56.66 -15.84 13.62
N ARG B 503 56.15 -14.61 13.70
CA ARG B 503 55.20 -14.24 14.74
C ARG B 503 54.01 -15.20 14.74
N ALA B 504 53.70 -15.76 13.58
CA ALA B 504 52.57 -16.68 13.44
C ALA B 504 52.85 -18.03 14.09
N ARG B 505 54.04 -18.57 13.84
CA ARG B 505 54.46 -19.85 14.38
C ARG B 505 54.35 -19.92 15.91
N SER B 506 54.91 -18.91 16.59
CA SER B 506 54.86 -18.87 18.05
C SER B 506 53.41 -18.90 18.55
N VAL B 507 52.59 -17.99 18.05
CA VAL B 507 51.19 -17.92 18.45
C VAL B 507 50.51 -19.25 18.15
N ARG B 508 50.92 -19.88 17.05
CA ARG B 508 50.35 -21.16 16.66
C ARG B 508 50.77 -22.24 17.65
N ALA B 509 51.94 -22.05 18.24
CA ALA B 509 52.45 -22.99 19.22
C ALA B 509 51.73 -22.78 20.55
N LYS B 510 51.76 -21.54 21.04
CA LYS B 510 51.11 -21.17 22.30
C LYS B 510 49.61 -21.42 22.29
N LEU B 511 49.09 -21.88 21.17
CA LEU B 511 47.66 -22.18 21.06
C LEU B 511 47.44 -23.67 21.13
N LEU B 512 48.13 -24.42 20.27
CA LEU B 512 48.00 -25.88 20.26
C LEU B 512 48.37 -26.44 21.62
N SER B 513 49.21 -25.72 22.35
CA SER B 513 49.64 -26.15 23.67
C SER B 513 48.61 -25.75 24.73
N GLN B 514 47.37 -25.56 24.31
CA GLN B 514 46.29 -25.20 25.22
C GLN B 514 45.07 -26.04 24.88
N GLY B 515 45.11 -26.68 23.72
CA GLY B 515 44.02 -27.53 23.29
C GLY B 515 42.64 -26.90 23.33
N GLY B 516 41.67 -27.61 22.77
CA GLY B 516 40.30 -27.11 22.76
C GLY B 516 40.08 -26.13 21.64
N ARG B 517 39.26 -25.12 21.90
CA ARG B 517 38.99 -24.12 20.89
C ARG B 517 40.29 -23.39 20.60
N ALA B 518 41.13 -23.29 21.62
CA ALA B 518 42.43 -22.63 21.47
C ALA B 518 43.30 -23.45 20.52
N ALA B 519 43.09 -24.76 20.51
CA ALA B 519 43.86 -25.66 19.66
C ALA B 519 43.39 -25.58 18.21
N THR B 520 42.14 -25.97 17.97
CA THR B 520 41.59 -25.93 16.61
C THR B 520 41.83 -24.55 15.99
N CYS B 521 42.03 -23.55 16.85
CA CYS B 521 42.28 -22.19 16.39
C CYS B 521 43.67 -22.04 15.77
N GLY B 522 44.69 -22.33 16.55
CA GLY B 522 46.05 -22.22 16.03
C GLY B 522 46.39 -23.42 15.16
N ARG B 523 45.36 -24.12 14.70
CA ARG B 523 45.53 -25.31 13.87
C ARG B 523 44.98 -25.08 12.47
N TYR B 524 43.76 -24.56 12.39
CA TYR B 524 43.10 -24.28 11.12
C TYR B 524 43.46 -22.89 10.58
N LEU B 525 43.41 -21.89 11.45
CA LEU B 525 43.75 -20.53 11.04
C LEU B 525 45.15 -20.52 10.48
N PHE B 526 46.12 -20.44 11.39
CA PHE B 526 47.53 -20.41 11.03
C PHE B 526 48.05 -21.78 10.56
N ASN B 527 47.86 -22.07 9.28
CA ASN B 527 48.34 -23.33 8.73
C ASN B 527 49.18 -22.98 7.49
N TRP B 528 49.96 -21.92 7.61
CA TRP B 528 50.84 -21.46 6.54
C TRP B 528 52.20 -21.12 7.13
N ALA B 529 52.24 -20.87 8.45
CA ALA B 529 53.47 -20.54 9.16
C ALA B 529 54.15 -21.81 9.67
N VAL B 530 54.60 -22.64 8.74
CA VAL B 530 55.27 -23.91 9.06
C VAL B 530 56.15 -24.32 7.88
N ARG B 531 56.07 -25.60 7.52
CA ARG B 531 56.83 -26.14 6.39
C ARG B 531 55.93 -27.10 5.62
N THR B 532 55.74 -28.28 6.18
CA THR B 532 54.87 -29.28 5.55
C THR B 532 53.54 -29.26 6.29
N LYS B 533 52.68 -28.33 5.89
CA LYS B 533 51.36 -28.16 6.49
C LYS B 533 50.55 -29.44 6.55
N LEU B 534 49.75 -29.58 7.61
CA LEU B 534 48.89 -30.75 7.81
C LEU B 534 47.53 -30.61 7.14
N LYS B 535 46.75 -31.68 7.16
CA LYS B 535 45.43 -31.71 6.53
C LYS B 535 44.24 -31.41 7.43
N LEU B 536 43.47 -30.41 7.02
CA LEU B 536 42.29 -29.94 7.73
C LEU B 536 41.03 -30.55 7.11
N THR B 537 40.14 -31.01 7.98
CA THR B 537 38.90 -31.62 7.52
C THR B 537 37.70 -30.96 8.19
N PRO B 538 36.51 -31.06 7.59
CA PRO B 538 35.25 -30.49 8.09
C PRO B 538 35.13 -30.54 9.60
N ILE B 539 34.86 -29.40 10.22
CA ILE B 539 34.72 -29.31 11.67
C ILE B 539 33.27 -29.56 12.09
N PRO B 540 33.08 -30.25 13.22
CA PRO B 540 31.76 -30.57 13.77
C PRO B 540 30.91 -29.31 14.01
N ALA B 541 31.36 -28.52 14.97
CA ALA B 541 30.67 -27.29 15.36
C ALA B 541 30.45 -26.32 14.20
N ALA B 542 30.82 -26.73 12.98
CA ALA B 542 30.67 -25.89 11.81
C ALA B 542 29.41 -26.24 11.02
N SER B 543 29.18 -27.54 10.81
CA SER B 543 28.01 -27.99 10.07
C SER B 543 26.75 -27.70 10.90
N GLN B 544 26.96 -27.46 12.19
CA GLN B 544 25.87 -27.18 13.12
C GLN B 544 25.85 -25.69 13.47
N LEU B 545 26.04 -24.86 12.44
CA LEU B 545 26.05 -23.42 12.59
C LEU B 545 24.95 -22.73 11.78
N ASP B 546 24.12 -21.97 12.50
CA ASP B 546 23.02 -21.23 11.90
C ASP B 546 23.42 -19.76 11.89
N LEU B 547 23.80 -19.27 10.72
CA LEU B 547 24.23 -17.88 10.58
C LEU B 547 23.38 -17.13 9.56
N SER B 548 22.14 -17.60 9.37
CA SER B 548 21.22 -16.98 8.43
C SER B 548 20.91 -15.56 8.89
N GLY B 549 20.66 -15.42 10.19
CA GLY B 549 20.33 -14.13 10.77
C GLY B 549 21.46 -13.13 10.76
N TRP B 550 22.51 -13.43 10.01
CA TRP B 550 23.67 -12.54 9.91
C TRP B 550 23.62 -11.68 8.64
N PHE B 551 23.14 -12.27 7.55
CA PHE B 551 23.07 -11.57 6.28
C PHE B 551 21.62 -11.53 5.77
N VAL B 552 20.78 -10.85 6.54
CA VAL B 552 19.36 -10.71 6.22
C VAL B 552 19.03 -9.38 5.56
N ALA B 553 19.33 -8.29 6.26
CA ALA B 553 19.09 -6.94 5.76
C ALA B 553 20.14 -6.00 6.36
N GLY B 554 20.17 -4.76 5.87
CA GLY B 554 21.14 -3.80 6.37
C GLY B 554 20.65 -2.99 7.56
N TYR B 555 21.56 -2.61 8.45
CA TYR B 555 21.16 -1.83 9.62
C TYR B 555 22.15 -0.75 10.04
N SER B 556 22.85 -0.14 9.08
CA SER B 556 23.81 0.92 9.38
C SER B 556 23.12 2.11 10.02
N GLY B 557 23.74 2.67 11.04
CA GLY B 557 23.16 3.82 11.72
C GLY B 557 21.75 3.54 12.16
N GLY B 558 21.42 2.26 12.29
CA GLY B 558 20.09 1.87 12.71
C GLY B 558 19.93 1.55 14.18
N ASP B 559 21.02 1.65 14.94
CA ASP B 559 20.98 1.38 16.38
C ASP B 559 20.40 -0.03 16.63
N ILE B 560 20.94 -1.04 15.96
CA ILE B 560 20.46 -2.42 16.10
C ILE B 560 21.54 -3.37 16.63
N TYR B 561 21.18 -4.20 17.60
CA TYR B 561 22.11 -5.14 18.23
C TYR B 561 21.54 -6.54 18.33
N HIS B 562 22.13 -7.48 17.59
CA HIS B 562 21.68 -8.87 17.58
C HIS B 562 22.37 -9.73 18.64
N SER B 563 21.66 -10.74 19.16
CA SER B 563 22.22 -11.62 20.19
C SER B 563 21.28 -12.77 20.56
C1 GOL C . -27.11 13.18 3.89
O1 GOL C . -28.38 13.65 3.40
C2 GOL C . -27.23 11.73 4.38
O2 GOL C . -28.37 11.60 5.25
C3 GOL C . -27.39 10.78 3.19
O3 GOL C . -27.18 9.42 3.60
C1 1NU D . -44.70 -3.62 -26.89
C2 1NU D . -43.99 -2.73 -26.06
C3 1NU D . -44.69 -1.98 -25.13
C4 1NU D . -46.11 -2.07 -25.03
C5 1NU D . -46.80 -2.97 -25.88
C6 1NU D . -46.12 -3.76 -26.84
C7 1NU D . -46.88 -4.73 -27.73
N8 1NU D . -45.03 -7.97 -27.83
C9 1NU D . -45.64 -6.86 -28.12
N10 1NU D . -46.62 -6.17 -27.42
C11 1NU D . -47.03 -6.78 -26.17
C12 1NU D . -46.41 -8.03 -25.76
C13 1NU D . -46.76 -8.69 -24.56
C14 1NU D . -47.73 -8.15 -23.71
C15 1NU D . -48.36 -6.93 -24.07
C16 1NU D . -48.01 -6.27 -25.28
C17 1NU D . -45.37 -8.62 -26.66
O18 1NU D . -44.83 -9.67 -26.31
F19 1NU D . -47.71 -8.24 -19.81
O20 1NU D . -48.00 -8.85 -22.56
C21 1NU D . -49.33 -9.08 -22.18
C22 1NU D . -50.21 -9.89 -22.97
C23 1NU D . -51.55 -10.09 -22.55
C24 1NU D . -52.03 -9.49 -21.35
C25 1NU D . -51.16 -8.68 -20.57
C26 1NU D . -49.79 -8.47 -20.97
C27 1NU D . -48.86 -7.59 -20.14
F28 1NU D . -44.03 -1.14 -24.34
F29 1NU D . -49.37 -7.20 -18.94
F30 1NU D . -48.46 -6.45 -20.78
F31 1NU D . -43.99 -4.33 -27.77
F32 1NU D . -48.14 -3.06 -25.78
MG MG E . -18.64 3.34 -18.25
MG MG F . -27.78 -7.75 2.28
C1 GOL G . 23.64 5.25 18.36
O1 GOL G . 24.10 5.48 19.70
C2 GOL G . 23.11 6.55 17.76
O2 GOL G . 24.10 7.58 17.87
C3 GOL G . 22.74 6.35 16.28
O3 GOL G . 23.91 6.08 15.50
C1 1NU H . 49.10 -17.68 2.17
C2 1NU H . 48.27 -17.23 3.22
C3 1NU H . 48.84 -16.57 4.34
C4 1NU H . 50.23 -16.36 4.42
C5 1NU H . 51.06 -16.82 3.36
C6 1NU H . 50.51 -17.50 2.21
C7 1NU H . 51.43 -17.98 1.10
N8 1NU H . 50.32 -17.39 -2.43
C9 1NU H . 50.64 -17.88 -1.27
N10 1NU H . 51.28 -17.25 -0.21
C11 1NU H . 51.67 -15.85 -0.42
C12 1NU H . 51.35 -15.24 -1.70
C13 1NU H . 51.68 -13.88 -2.01
C14 1NU H . 52.34 -13.08 -1.06
C15 1NU H . 52.68 -13.64 0.22
C16 1NU H . 52.34 -15.00 0.52
C17 1NU H . 50.64 -16.07 -2.72
O18 1NU H . 50.37 -15.55 -3.80
F19 1NU H . 51.44 -9.26 -0.93
O20 1NU H . 52.60 -11.77 -1.45
C21 1NU H . 53.81 -11.11 -1.18
C22 1NU H . 55.08 -11.61 -1.63
C23 1NU H . 56.26 -10.88 -1.31
C24 1NU H . 56.20 -9.68 -0.57
C25 1NU H . 54.96 -9.19 -0.11
C26 1NU H . 53.73 -9.89 -0.41
C27 1NU H . 52.36 -9.37 0.07
F28 1NU H . 48.06 -16.13 5.32
F29 1NU H . 52.40 -8.11 0.65
F30 1NU H . 51.79 -10.19 1.02
F31 1NU H . 48.53 -18.30 1.15
F32 1NU H . 52.38 -16.62 3.48
MG MG I . 20.87 -14.48 4.14
MG MG J . 29.72 6.91 -0.40
#